data_3TNE
#
_entry.id   3TNE
#
_cell.length_a   61.870
_cell.length_b   61.610
_cell.length_c   157.770
_cell.angle_alpha   90.00
_cell.angle_beta   90.00
_cell.angle_gamma   90.00
#
_symmetry.space_group_name_H-M   'P 21 21 21'
#
loop_
_entity.id
_entity.type
_entity.pdbx_description
1 polymer 'Secreted aspartic protease'
2 non-polymer RITONAVIR
3 water water
#
_entity_poly.entity_id   1
_entity_poly.type   'polypeptide(L)'
_entity_poly.pdbx_seq_one_letter_code
;DSISLSLINEGPSYASKVSVGSNKQQQTVIIDTGSSDFWVVDSNAQCGKGVDCKSSGTFTPSSSSSYKNLGAAFTIRYGD
GSTSQGTWGKDTVTINGVSITGQQIADVTQTSVDQGILGIGYTSNEAVYDTSGRQTTPNYDNVPVTLKKQGKIRTNAYSL
YLNSPSAETGTIIFGGVDNAKYSGKLVAEQVTSSQALTISLASVNLKGSSFSFGDGALLDSGTTLTYFPSDFAAQLADKA
GARLVQVARDQYLYFIDCNTDTSGTTVFNFGNGAKITVPNTEYVYQNGDGTCLWGIQPSDDTILGDNFLRHAYLLYNLDA
NTISIAQVKYTTDSSISAV
;
_entity_poly.pdbx_strand_id   A,B
#
loop_
_chem_comp.id
_chem_comp.type
_chem_comp.name
_chem_comp.formula
RIT peptide-like RITONAVIR 'C37 H48 N6 O5 S2'
#
# COMPACT_ATOMS: atom_id res chain seq x y z
N ASP A 1 -19.27 30.32 -15.83
CA ASP A 1 -17.96 31.06 -15.86
C ASP A 1 -16.84 30.11 -16.23
N SER A 2 -15.64 30.64 -16.39
CA SER A 2 -14.46 29.86 -16.68
C SER A 2 -13.57 29.91 -15.46
N ILE A 3 -12.95 28.77 -15.12
CA ILE A 3 -11.91 28.69 -14.07
C ILE A 3 -10.73 27.91 -14.61
N SER A 4 -9.83 28.58 -15.34
CA SER A 4 -8.61 27.95 -15.82
C SER A 4 -7.72 27.63 -14.63
N LEU A 5 -7.43 26.34 -14.43
CA LEU A 5 -6.46 25.88 -13.46
C LEU A 5 -5.24 25.35 -14.18
N SER A 6 -4.06 25.63 -13.63
CA SER A 6 -2.84 25.16 -14.25
C SER A 6 -2.61 23.69 -13.94
N LEU A 7 -1.95 23.04 -14.90
CA LEU A 7 -1.59 21.66 -14.77
C LEU A 7 -0.09 21.55 -14.86
N ILE A 8 0.50 21.05 -13.78
CA ILE A 8 1.94 20.88 -13.73
C ILE A 8 2.24 19.51 -14.29
N ASN A 9 3.13 19.49 -15.27
CA ASN A 9 3.62 18.27 -15.89
C ASN A 9 4.71 17.65 -15.00
N GLU A 10 4.31 16.76 -14.11
CA GLU A 10 5.26 16.11 -13.17
C GLU A 10 6.06 15.02 -13.90
N GLY A 11 5.56 14.58 -15.06
CA GLY A 11 6.11 13.47 -15.84
C GLY A 11 5.01 12.44 -16.18
N PRO A 12 4.71 11.53 -15.22
CA PRO A 12 3.64 10.50 -15.18
C PRO A 12 2.23 10.98 -14.90
N SER A 13 2.10 12.10 -14.20
CA SER A 13 0.80 12.68 -13.92
C SER A 13 0.81 14.21 -14.12
N TYR A 14 -0.36 14.79 -14.29
CA TYR A 14 -0.50 16.24 -14.26
C TYR A 14 -1.27 16.67 -13.00
N ALA A 15 -0.67 17.53 -12.16
CA ALA A 15 -1.35 18.02 -10.93
C ALA A 15 -1.70 19.48 -10.98
N SER A 16 -2.75 19.82 -10.26
CA SER A 16 -3.05 21.20 -10.00
C SER A 16 -2.86 21.50 -8.49
N LYS A 17 -2.73 22.77 -8.17
CA LYS A 17 -2.73 23.22 -6.78
C LYS A 17 -4.17 23.44 -6.30
N VAL A 18 -4.51 22.82 -5.19
CA VAL A 18 -5.78 23.09 -4.50
C VAL A 18 -5.49 23.46 -3.04
N SER A 19 -6.17 24.51 -2.54
CA SER A 19 -6.12 24.91 -1.15
C SER A 19 -7.38 24.41 -0.45
N VAL A 20 -7.23 23.83 0.74
CA VAL A 20 -8.32 23.15 1.46
C VAL A 20 -8.42 23.61 2.94
N GLY A 21 -9.65 23.86 3.40
CA GLY A 21 -9.93 24.33 4.77
C GLY A 21 -10.14 25.84 4.86
N SER A 22 -10.23 26.30 6.09
CA SER A 22 -10.35 27.72 6.40
C SER A 22 -9.04 28.46 6.18
N ASN A 23 -7.95 27.87 6.65
CA ASN A 23 -6.60 28.43 6.46
C ASN A 23 -5.94 28.04 5.11
N LYS A 24 -6.78 27.61 4.17
CA LYS A 24 -6.39 27.42 2.78
C LYS A 24 -5.04 26.69 2.61
N GLN A 25 -4.94 25.49 3.15
CA GLN A 25 -3.71 24.68 3.05
C GLN A 25 -3.45 24.18 1.61
N GLN A 26 -2.32 24.55 1.04
CA GLN A 26 -2.11 24.23 -0.37
C GLN A 26 -1.66 22.78 -0.59
N GLN A 27 -2.53 21.95 -1.17
CA GLN A 27 -2.13 20.63 -1.74
C GLN A 27 -1.98 20.69 -3.27
N THR A 28 -0.96 20.01 -3.78
CA THR A 28 -0.83 19.79 -5.20
C THR A 28 -1.44 18.44 -5.45
N VAL A 29 -2.54 18.33 -6.17
CA VAL A 29 -3.02 16.97 -6.40
C VAL A 29 -3.20 16.66 -7.86
N ILE A 30 -3.09 15.38 -8.15
CA ILE A 30 -3.32 14.93 -9.49
C ILE A 30 -4.75 15.23 -9.95
N ILE A 31 -4.91 15.77 -11.17
CA ILE A 31 -6.21 15.87 -11.77
C ILE A 31 -6.54 14.62 -12.55
N ASP A 32 -7.68 14.03 -12.21
CA ASP A 32 -7.96 12.64 -12.57
C ASP A 32 -9.35 12.51 -13.18
N THR A 33 -9.41 12.37 -14.51
CA THR A 33 -10.69 12.00 -15.21
C THR A 33 -11.00 10.50 -15.06
N GLY A 34 -10.11 9.70 -14.50
CA GLY A 34 -10.43 8.31 -14.19
C GLY A 34 -11.14 7.99 -12.85
N SER A 35 -11.04 8.88 -11.86
CA SER A 35 -11.71 8.69 -10.59
C SER A 35 -12.59 9.88 -10.34
N SER A 36 -13.49 9.67 -9.39
CA SER A 36 -14.51 10.64 -9.04
C SER A 36 -14.38 11.15 -7.61
N ASP A 37 -13.31 10.76 -6.92
CA ASP A 37 -13.14 11.17 -5.55
C ASP A 37 -11.86 11.96 -5.38
N PHE A 38 -11.95 13.02 -4.57
CA PHE A 38 -10.87 13.95 -4.19
C PHE A 38 -10.36 13.61 -2.79
N TRP A 39 -9.14 13.12 -2.67
CA TRP A 39 -8.55 12.81 -1.38
C TRP A 39 -7.21 13.45 -1.30
N VAL A 40 -6.85 13.86 -0.08
CA VAL A 40 -5.55 14.43 0.23
C VAL A 40 -4.86 13.63 1.39
N VAL A 41 -3.54 13.73 1.36
CA VAL A 41 -2.62 13.24 2.35
C VAL A 41 -2.84 13.99 3.66
N ASP A 42 -2.93 13.24 4.75
CA ASP A 42 -3.04 13.83 6.06
C ASP A 42 -1.63 14.01 6.61
N SER A 43 -1.43 15.09 7.38
CA SER A 43 -0.18 15.41 8.06
C SER A 43 0.37 14.23 8.79
N ASN A 44 -0.49 13.58 9.58
CA ASN A 44 -0.04 12.53 10.49
C ASN A 44 -0.30 11.13 9.95
N ALA A 45 -0.14 10.96 8.64
CA ALA A 45 -0.27 9.65 7.97
C ALA A 45 1.06 8.92 7.75
N GLN A 46 0.98 7.60 7.79
CA GLN A 46 2.09 6.72 7.46
C GLN A 46 1.99 6.47 5.98
N CYS A 47 2.99 6.91 5.22
CA CYS A 47 3.11 6.56 3.81
C CYS A 47 3.57 5.12 3.70
N GLY A 48 3.01 4.38 2.75
CA GLY A 48 3.47 3.03 2.46
C GLY A 48 4.98 2.93 2.35
N LYS A 49 5.45 1.68 2.38
CA LYS A 49 6.88 1.37 2.41
C LYS A 49 7.58 1.87 1.14
N GLY A 50 8.55 2.78 1.35
CA GLY A 50 9.40 3.28 0.26
C GLY A 50 8.78 4.41 -0.55
N VAL A 51 7.67 4.95 -0.08
CA VAL A 51 6.93 5.99 -0.78
C VAL A 51 6.92 7.31 -0.02
N ASP A 52 7.20 8.41 -0.73
CA ASP A 52 7.20 9.73 -0.12
C ASP A 52 5.92 10.52 -0.45
N CYS A 53 4.86 10.21 0.29
CA CYS A 53 3.54 10.74 -0.01
C CYS A 53 3.20 12.14 0.55
N LYS A 54 4.15 12.77 1.25
CA LYS A 54 3.88 14.07 1.90
C LYS A 54 4.62 15.27 1.30
N SER A 55 5.40 15.04 0.24
CA SER A 55 6.22 16.11 -0.37
C SER A 55 5.44 16.94 -1.45
N SER A 56 4.18 16.62 -1.60
CA SER A 56 3.31 17.44 -2.40
C SER A 56 2.30 18.09 -1.46
N GLY A 57 2.74 18.39 -0.24
CA GLY A 57 1.88 19.07 0.73
C GLY A 57 0.90 18.15 1.40
N THR A 58 0.48 18.55 2.60
CA THR A 58 -0.36 17.73 3.44
C THR A 58 -1.58 18.45 4.03
N PHE A 59 -2.48 17.67 4.67
CA PHE A 59 -3.71 18.21 5.26
C PHE A 59 -3.90 17.90 6.75
N THR A 60 -4.14 18.97 7.50
CA THR A 60 -4.27 18.92 8.95
C THR A 60 -5.69 19.37 9.30
N PRO A 61 -6.63 18.42 9.43
CA PRO A 61 -8.03 18.74 9.77
C PRO A 61 -8.20 19.63 10.99
N SER A 62 -7.35 19.45 12.00
CA SER A 62 -7.42 20.24 13.25
C SER A 62 -7.19 21.76 13.09
N SER A 63 -6.38 22.15 12.11
CA SER A 63 -6.12 23.58 11.83
C SER A 63 -7.27 24.31 11.13
N SER A 64 -8.18 23.57 10.48
CA SER A 64 -9.34 24.15 9.76
C SER A 64 -10.64 24.10 10.58
N SER A 65 -11.23 25.26 10.86
CA SER A 65 -12.44 25.34 11.67
C SER A 65 -13.73 25.06 10.91
N SER A 66 -13.65 24.94 9.59
CA SER A 66 -14.79 24.56 8.76
C SER A 66 -14.86 23.06 8.57
N TYR A 67 -13.78 22.37 8.95
CA TYR A 67 -13.68 20.96 8.66
C TYR A 67 -14.68 20.15 9.45
N LYS A 68 -15.60 19.48 8.73
CA LYS A 68 -16.52 18.56 9.38
C LYS A 68 -16.21 17.10 9.02
N ASN A 69 -16.30 16.24 10.03
CA ASN A 69 -16.03 14.82 9.86
C ASN A 69 -17.29 13.99 9.72
N LEU A 70 -17.34 13.20 8.65
CA LEU A 70 -18.47 12.33 8.43
C LEU A 70 -18.42 11.10 9.31
N GLY A 71 -17.23 10.61 9.61
CA GLY A 71 -17.10 9.37 10.37
C GLY A 71 -17.41 8.13 9.56
N ALA A 72 -17.29 8.22 8.24
CA ALA A 72 -17.38 7.04 7.38
C ALA A 72 -15.99 6.73 6.81
N ALA A 73 -15.67 5.44 6.75
CA ALA A 73 -14.39 4.96 6.26
C ALA A 73 -14.26 5.19 4.75
N PHE A 74 -13.01 5.40 4.31
CA PHE A 74 -12.68 5.62 2.91
C PHE A 74 -11.65 4.62 2.41
N THR A 75 -11.82 4.12 1.20
CA THR A 75 -10.87 3.19 0.63
C THR A 75 -11.05 3.10 -0.87
N ILE A 76 -9.91 3.15 -1.56
CA ILE A 76 -9.88 3.21 -3.00
C ILE A 76 -8.67 2.43 -3.43
N ARG A 77 -8.77 1.80 -4.59
CA ARG A 77 -7.62 1.12 -5.16
C ARG A 77 -7.48 1.50 -6.60
N TYR A 78 -6.27 1.86 -7.02
CA TYR A 78 -6.02 2.31 -8.37
C TYR A 78 -5.50 1.20 -9.27
N GLY A 79 -5.62 1.41 -10.58
CA GLY A 79 -5.30 0.38 -11.55
C GLY A 79 -3.90 -0.19 -11.43
N ASP A 80 -2.96 0.54 -10.82
CA ASP A 80 -1.57 0.07 -10.73
C ASP A 80 -1.21 -0.61 -9.37
N GLY A 81 -2.23 -0.78 -8.51
CA GLY A 81 -2.04 -1.32 -7.18
C GLY A 81 -2.03 -0.29 -6.06
N SER A 82 -1.75 0.98 -6.37
CA SER A 82 -1.74 1.96 -5.30
C SER A 82 -3.14 1.92 -4.68
N THR A 83 -3.19 2.07 -3.38
CA THR A 83 -4.44 2.15 -2.65
C THR A 83 -4.32 3.33 -1.74
N SER A 84 -5.39 3.61 -1.02
CA SER A 84 -5.40 4.75 -0.12
C SER A 84 -6.56 4.53 0.82
N GLN A 85 -6.28 4.57 2.11
CA GLN A 85 -7.26 4.36 3.12
C GLN A 85 -7.30 5.61 3.96
N GLY A 86 -8.50 5.98 4.40
CA GLY A 86 -8.68 7.14 5.25
C GLY A 86 -10.11 7.31 5.69
N THR A 87 -10.57 8.57 5.78
CA THR A 87 -11.85 8.92 6.43
C THR A 87 -12.58 10.00 5.64
N TRP A 88 -13.92 9.91 5.61
CA TRP A 88 -14.79 10.85 4.90
C TRP A 88 -15.03 12.10 5.74
N GLY A 89 -15.06 13.26 5.07
CA GLY A 89 -15.20 14.56 5.72
C GLY A 89 -15.83 15.61 4.81
N LYS A 90 -15.83 16.87 5.25
CA LYS A 90 -16.33 18.04 4.46
C LYS A 90 -15.61 19.34 4.81
N ASP A 91 -15.43 20.20 3.83
CA ASP A 91 -14.68 21.42 4.08
C ASP A 91 -14.64 22.33 2.86
N THR A 92 -14.01 23.47 3.05
CA THR A 92 -13.88 24.46 2.01
C THR A 92 -12.81 24.07 1.03
N VAL A 93 -13.14 24.11 -0.26
CA VAL A 93 -12.13 23.98 -1.34
C VAL A 93 -12.03 25.25 -2.20
N THR A 94 -10.79 25.69 -2.42
CA THR A 94 -10.45 26.84 -3.25
C THR A 94 -9.56 26.39 -4.41
N ILE A 95 -9.92 26.78 -5.63
CA ILE A 95 -9.17 26.41 -6.87
C ILE A 95 -8.89 27.65 -7.73
N ASN A 96 -7.67 28.19 -7.66
CA ASN A 96 -7.35 29.49 -8.31
C ASN A 96 -8.39 30.55 -7.93
N GLY A 97 -8.53 30.80 -6.63
CA GLY A 97 -9.39 31.87 -6.11
C GLY A 97 -10.77 31.44 -5.65
N VAL A 98 -11.50 30.73 -6.52
CA VAL A 98 -12.91 30.42 -6.30
C VAL A 98 -13.07 29.36 -5.21
N SER A 99 -14.17 29.40 -4.47
CA SER A 99 -14.27 28.57 -3.27
C SER A 99 -15.66 27.99 -3.01
N ILE A 100 -15.69 26.67 -2.80
CA ILE A 100 -16.93 25.92 -2.56
C ILE A 100 -17.01 25.36 -1.09
N THR A 101 -18.02 25.80 -0.34
CA THR A 101 -18.17 25.37 1.04
C THR A 101 -18.75 23.96 1.08
N GLY A 102 -18.38 23.22 2.12
CA GLY A 102 -18.89 21.87 2.41
C GLY A 102 -18.78 20.89 1.28
N GLN A 103 -17.64 20.87 0.60
CA GLN A 103 -17.30 19.81 -0.34
C GLN A 103 -16.74 18.58 0.38
N GLN A 104 -17.45 17.45 0.23
CA GLN A 104 -17.04 16.14 0.74
C GLN A 104 -15.78 15.59 0.07
N ILE A 105 -14.77 15.30 0.89
CA ILE A 105 -13.52 14.68 0.45
C ILE A 105 -13.21 13.50 1.34
N ALA A 106 -12.08 12.86 1.04
CA ALA A 106 -11.49 11.84 1.92
C ALA A 106 -10.18 12.35 2.53
N ASP A 107 -10.11 12.45 3.86
CA ASP A 107 -8.84 12.59 4.62
C ASP A 107 -8.07 11.23 4.82
N VAL A 108 -6.92 11.04 4.15
CA VAL A 108 -6.24 9.76 4.05
C VAL A 108 -5.03 9.68 4.98
N THR A 109 -5.00 8.62 5.80
CA THR A 109 -4.04 8.41 6.90
C THR A 109 -3.00 7.34 6.54
N GLN A 110 -3.19 6.70 5.40
CA GLN A 110 -2.22 5.76 4.84
C GLN A 110 -2.41 5.57 3.31
N THR A 111 -1.31 5.61 2.55
CA THR A 111 -1.41 5.57 1.11
C THR A 111 -0.11 5.19 0.46
N SER A 112 -0.13 4.10 -0.30
CA SER A 112 0.99 3.81 -1.18
C SER A 112 1.04 4.74 -2.41
N VAL A 113 0.30 5.85 -2.40
CA VAL A 113 0.29 6.81 -3.52
C VAL A 113 1.21 8.02 -3.21
N ASP A 114 1.79 8.63 -4.24
CA ASP A 114 2.81 9.70 -4.10
C ASP A 114 2.23 11.10 -3.75
N GLN A 115 0.96 11.34 -4.10
CA GLN A 115 0.27 12.60 -3.72
C GLN A 115 -1.26 12.38 -3.64
N GLY A 116 -2.00 13.37 -3.14
CA GLY A 116 -3.46 13.37 -3.28
C GLY A 116 -3.86 13.40 -4.77
N ILE A 117 -5.10 13.00 -5.05
CA ILE A 117 -5.63 12.94 -6.42
C ILE A 117 -7.01 13.56 -6.38
N LEU A 118 -7.24 14.59 -7.22
CA LEU A 118 -8.58 15.19 -7.45
C LEU A 118 -9.28 14.47 -8.61
N GLY A 119 -10.14 13.51 -8.26
CA GLY A 119 -10.87 12.73 -9.26
C GLY A 119 -12.10 13.54 -9.53
N ILE A 120 -12.44 13.71 -10.82
CA ILE A 120 -13.54 14.59 -11.25
C ILE A 120 -14.48 13.96 -12.31
N GLY A 121 -14.64 12.65 -12.27
CA GLY A 121 -15.54 11.95 -13.13
C GLY A 121 -16.95 11.93 -12.59
N TYR A 122 -17.81 11.10 -13.21
CA TYR A 122 -19.23 10.90 -12.81
C TYR A 122 -19.41 10.51 -11.31
N THR A 123 -20.33 11.17 -10.62
CA THR A 123 -20.49 10.87 -9.17
C THR A 123 -20.83 9.42 -8.98
N SER A 124 -21.42 8.79 -10.00
CA SER A 124 -21.74 7.36 -9.99
C SER A 124 -20.49 6.53 -9.86
N ASN A 125 -19.33 7.10 -10.15
CA ASN A 125 -18.09 6.31 -10.03
C ASN A 125 -17.30 6.48 -8.71
N GLU A 126 -17.94 7.07 -7.73
CA GLU A 126 -17.31 7.32 -6.46
C GLU A 126 -16.99 6.01 -5.75
N ALA A 127 -15.82 5.92 -5.12
CA ALA A 127 -15.47 4.81 -4.17
C ALA A 127 -16.24 4.89 -2.83
N VAL A 128 -17.44 4.31 -2.77
CA VAL A 128 -18.26 4.37 -1.54
C VAL A 128 -18.31 2.97 -0.90
N TYR A 129 -17.51 2.04 -1.43
CA TYR A 129 -17.45 0.65 -0.94
C TYR A 129 -16.22 0.36 -0.05
N ASP A 130 -16.31 -0.65 0.80
CA ASP A 130 -15.11 -1.24 1.44
C ASP A 130 -14.80 -2.51 0.68
N THR A 131 -13.76 -3.23 1.09
CA THR A 131 -13.23 -4.29 0.24
C THR A 131 -14.18 -5.47 0.05
N SER A 132 -15.24 -5.55 0.86
CA SER A 132 -16.28 -6.59 0.69
C SER A 132 -17.42 -6.16 -0.24
N GLY A 133 -17.31 -4.94 -0.78
CA GLY A 133 -18.41 -4.31 -1.53
C GLY A 133 -19.50 -3.67 -0.69
N ARG A 134 -19.39 -3.75 0.65
CA ARG A 134 -20.45 -3.26 1.54
C ARG A 134 -20.26 -1.75 1.69
N GLN A 135 -21.38 -1.01 1.63
CA GLN A 135 -21.32 0.41 1.39
C GLN A 135 -21.10 1.22 2.66
N THR A 136 -20.35 2.30 2.52
CA THR A 136 -19.85 3.08 3.64
C THR A 136 -20.27 4.55 3.55
N THR A 137 -21.09 4.88 2.56
CA THR A 137 -21.61 6.25 2.46
C THR A 137 -22.39 6.40 1.15
N PRO A 138 -23.34 7.33 1.12
CA PRO A 138 -24.07 7.50 -0.13
C PRO A 138 -23.19 8.17 -1.16
N ASN A 139 -23.53 7.95 -2.43
CA ASN A 139 -22.89 8.63 -3.55
C ASN A 139 -23.11 10.10 -3.32
N TYR A 140 -22.09 10.91 -3.52
CA TYR A 140 -22.11 12.29 -3.01
C TYR A 140 -21.85 13.26 -4.16
N ASP A 141 -22.12 14.55 -3.93
CA ASP A 141 -21.68 15.57 -4.88
C ASP A 141 -20.17 15.71 -4.83
N ASN A 142 -19.47 15.36 -5.92
CA ASN A 142 -18.05 15.69 -6.01
C ASN A 142 -17.84 17.11 -6.53
N VAL A 143 -16.58 17.52 -6.61
CA VAL A 143 -16.21 18.90 -6.87
C VAL A 143 -16.98 19.48 -8.03
N PRO A 144 -16.87 18.87 -9.22
CA PRO A 144 -17.48 19.52 -10.37
C PRO A 144 -18.96 19.79 -10.16
N VAL A 145 -19.63 18.85 -9.52
CA VAL A 145 -21.06 18.98 -9.25
C VAL A 145 -21.31 20.08 -8.23
N THR A 146 -20.37 20.29 -7.29
CA THR A 146 -20.50 21.38 -6.29
C THR A 146 -20.18 22.77 -6.88
N LEU A 147 -19.23 22.84 -7.80
CA LEU A 147 -19.01 24.07 -8.59
C LEU A 147 -20.30 24.59 -9.25
N LYS A 148 -20.90 23.74 -10.10
CA LYS A 148 -22.14 24.08 -10.78
C LYS A 148 -23.21 24.46 -9.78
N LYS A 149 -23.39 23.64 -8.76
CA LYS A 149 -24.43 23.90 -7.74
C LYS A 149 -24.26 25.18 -6.93
N GLN A 150 -23.02 25.64 -6.69
CA GLN A 150 -22.82 26.96 -6.06
C GLN A 150 -22.72 28.08 -7.09
N GLY A 151 -23.04 27.78 -8.35
CA GLY A 151 -23.03 28.79 -9.39
C GLY A 151 -21.64 29.24 -9.80
N LYS A 152 -20.64 28.38 -9.59
CA LYS A 152 -19.30 28.70 -10.04
C LYS A 152 -19.20 28.44 -11.54
N ILE A 153 -19.67 27.28 -12.00
CA ILE A 153 -19.76 27.01 -13.42
C ILE A 153 -21.21 26.97 -13.90
N ARG A 154 -21.44 27.09 -15.20
CA ARG A 154 -22.82 26.99 -15.64
C ARG A 154 -23.26 25.51 -15.69
N THR A 155 -22.43 24.68 -16.32
CA THR A 155 -22.70 23.24 -16.51
C THR A 155 -21.49 22.44 -16.01
N ASN A 156 -21.74 21.17 -15.69
CA ASN A 156 -20.70 20.27 -15.21
C ASN A 156 -19.90 19.80 -16.40
N ALA A 157 -18.81 20.50 -16.67
CA ALA A 157 -18.03 20.28 -17.89
C ALA A 157 -16.65 20.83 -17.65
N TYR A 158 -15.72 20.40 -18.51
CA TYR A 158 -14.36 20.92 -18.48
C TYR A 158 -13.59 20.55 -19.73
N SER A 159 -12.52 21.29 -19.98
CA SER A 159 -11.66 21.04 -21.14
C SER A 159 -10.26 20.72 -20.67
N LEU A 160 -9.53 19.94 -21.47
CA LEU A 160 -8.24 19.43 -21.07
C LEU A 160 -7.10 19.48 -22.10
N TYR A 161 -6.22 20.46 -21.89
CA TYR A 161 -5.05 20.74 -22.74
C TYR A 161 -3.86 20.44 -21.85
N LEU A 162 -3.15 19.35 -22.16
CA LEU A 162 -2.00 18.91 -21.38
C LEU A 162 -0.72 19.37 -22.02
N ASN A 163 -0.83 19.94 -23.21
CA ASN A 163 0.29 20.56 -23.90
C ASN A 163 1.21 19.51 -24.53
N SER A 164 2.30 19.96 -25.14
CA SER A 164 3.31 19.09 -25.71
C SER A 164 4.05 18.30 -24.64
N PRO A 165 4.60 17.12 -25.02
CA PRO A 165 5.42 16.34 -24.12
C PRO A 165 6.64 17.11 -23.57
N SER A 166 7.11 18.14 -24.28
CA SER A 166 8.17 19.03 -23.78
C SER A 166 7.65 20.13 -22.84
N ALA A 167 6.35 20.40 -22.91
CA ALA A 167 5.73 21.52 -22.22
C ALA A 167 5.69 21.30 -20.72
N GLU A 168 5.71 22.42 -19.98
CA GLU A 168 5.82 22.39 -18.53
C GLU A 168 4.47 22.60 -17.86
N THR A 169 3.63 23.43 -18.46
CA THR A 169 2.28 23.60 -18.01
C THR A 169 1.34 23.32 -19.18
N GLY A 170 0.17 22.81 -18.82
CA GLY A 170 -0.99 22.72 -19.68
C GLY A 170 -2.09 23.19 -18.77
N THR A 171 -3.33 22.94 -19.14
CA THR A 171 -4.43 23.65 -18.52
C THR A 171 -5.75 22.93 -18.62
N ILE A 172 -6.51 23.09 -17.54
CA ILE A 172 -7.88 22.62 -17.44
C ILE A 172 -8.79 23.79 -17.03
N ILE A 173 -9.94 23.91 -17.69
CA ILE A 173 -10.90 24.97 -17.46
C ILE A 173 -12.20 24.33 -17.06
N PHE A 174 -12.79 24.77 -15.95
CA PHE A 174 -14.08 24.28 -15.49
C PHE A 174 -15.25 25.12 -15.97
N GLY A 175 -16.07 24.55 -16.83
CA GLY A 175 -17.21 25.30 -17.39
C GLY A 175 -16.75 26.36 -18.38
N GLY A 176 -15.63 26.08 -19.07
CA GLY A 176 -15.07 26.92 -20.11
C GLY A 176 -14.23 26.17 -21.14
N VAL A 177 -14.12 26.74 -22.34
CA VAL A 177 -13.48 26.08 -23.48
C VAL A 177 -12.54 27.04 -24.14
N ASP A 178 -11.32 26.62 -24.42
CA ASP A 178 -10.45 27.40 -25.29
C ASP A 178 -10.79 26.95 -26.69
N ASN A 179 -11.04 27.91 -27.60
CA ASN A 179 -11.34 27.60 -29.01
C ASN A 179 -10.21 27.99 -29.95
N ALA A 180 -9.02 28.14 -29.38
CA ALA A 180 -7.84 28.54 -30.10
C ALA A 180 -6.76 27.45 -30.12
N LYS A 181 -6.92 26.40 -29.29
CA LYS A 181 -5.89 25.34 -29.20
C LYS A 181 -6.42 24.00 -29.69
N TYR A 182 -7.19 24.03 -30.78
CA TYR A 182 -7.54 22.86 -31.53
C TYR A 182 -7.87 23.29 -32.95
N SER A 183 -7.59 22.44 -33.93
CA SER A 183 -8.02 22.65 -35.33
C SER A 183 -9.39 21.99 -35.55
N GLY A 184 -9.86 21.99 -36.80
CA GLY A 184 -11.12 21.34 -37.19
C GLY A 184 -12.30 21.90 -36.43
N LYS A 185 -13.35 21.07 -36.26
CA LYS A 185 -14.40 21.33 -35.25
C LYS A 185 -14.21 20.38 -34.09
N LEU A 186 -14.64 20.79 -32.92
CA LEU A 186 -14.80 19.88 -31.81
C LEU A 186 -15.94 18.90 -32.19
N VAL A 187 -15.63 17.61 -32.18
CA VAL A 187 -16.61 16.60 -32.53
C VAL A 187 -17.15 15.97 -31.25
N ALA A 188 -18.37 16.36 -30.88
CA ALA A 188 -19.04 15.76 -29.74
C ALA A 188 -19.12 14.26 -29.96
N GLU A 189 -18.90 13.47 -28.91
CA GLU A 189 -18.99 12.01 -28.97
C GLU A 189 -19.77 11.53 -27.75
N GLN A 190 -20.72 10.63 -27.97
CA GLN A 190 -21.53 10.12 -26.87
C GLN A 190 -20.68 9.25 -25.95
N VAL A 191 -20.72 9.56 -24.65
CA VAL A 191 -20.03 8.73 -23.67
C VAL A 191 -20.74 7.38 -23.62
N THR A 192 -20.00 6.27 -23.69
CA THR A 192 -20.68 4.97 -23.73
C THR A 192 -20.94 4.35 -22.35
N SER A 193 -20.66 5.08 -21.27
CA SER A 193 -20.81 4.54 -19.97
C SER A 193 -21.47 5.58 -19.07
N SER A 194 -22.45 5.19 -18.25
CA SER A 194 -22.98 6.12 -17.25
C SER A 194 -22.09 6.15 -16.00
N GLN A 195 -20.94 5.51 -16.07
CA GLN A 195 -20.01 5.51 -14.95
C GLN A 195 -18.63 6.03 -15.32
N ALA A 196 -18.15 5.75 -16.52
CA ALA A 196 -16.81 6.18 -16.92
C ALA A 196 -16.79 6.99 -18.21
N LEU A 197 -15.76 7.82 -18.35
CA LEU A 197 -15.75 8.80 -19.40
C LEU A 197 -15.08 8.17 -20.60
N THR A 198 -15.87 7.34 -21.27
CA THR A 198 -15.43 6.47 -22.34
C THR A 198 -16.17 6.89 -23.62
N ILE A 199 -15.47 6.79 -24.77
CA ILE A 199 -16.08 7.03 -26.09
C ILE A 199 -15.75 5.91 -27.13
N SER A 200 -16.67 5.64 -28.02
CA SER A 200 -16.46 4.56 -28.97
C SER A 200 -15.25 4.90 -29.87
N LEU A 201 -14.16 4.11 -29.72
CA LEU A 201 -13.05 4.06 -30.67
C LEU A 201 -13.32 2.97 -31.71
N ALA A 202 -13.48 3.34 -32.99
CA ALA A 202 -13.72 2.37 -34.10
C ALA A 202 -12.47 1.60 -34.53
N SER A 203 -11.35 2.28 -34.74
CA SER A 203 -10.13 1.58 -35.15
C SER A 203 -8.92 2.45 -34.90
N VAL A 204 -7.76 1.80 -34.89
CA VAL A 204 -6.49 2.48 -34.72
C VAL A 204 -5.64 2.21 -35.92
N ASN A 205 -5.12 3.23 -36.59
CA ASN A 205 -4.12 3.00 -37.66
C ASN A 205 -2.70 2.96 -37.12
N LEU A 206 -2.02 1.84 -37.33
CA LEU A 206 -0.65 1.78 -36.78
C LEU A 206 0.35 1.32 -37.83
N LYS A 207 1.41 2.12 -37.96
CA LYS A 207 2.45 1.92 -38.96
C LYS A 207 1.82 1.65 -40.32
N GLY A 208 0.83 2.49 -40.66
CA GLY A 208 0.15 2.47 -41.96
C GLY A 208 -0.96 1.43 -42.15
N SER A 209 -1.15 0.56 -41.15
CA SER A 209 -2.11 -0.53 -41.21
C SER A 209 -3.26 -0.31 -40.24
N SER A 210 -4.47 -0.68 -40.63
CA SER A 210 -5.66 -0.38 -39.83
C SER A 210 -6.08 -1.60 -39.03
N PHE A 211 -6.58 -1.37 -37.83
CA PHE A 211 -6.87 -2.40 -36.83
C PHE A 211 -8.23 -2.13 -36.25
N SER A 212 -9.21 -2.86 -36.69
CA SER A 212 -10.56 -2.63 -36.29
C SER A 212 -10.65 -2.88 -34.80
N PHE A 213 -11.43 -2.07 -34.09
CA PHE A 213 -11.58 -2.21 -32.63
C PHE A 213 -13.02 -2.15 -32.14
N GLY A 214 -13.70 -1.06 -32.38
CA GLY A 214 -15.16 -1.03 -32.16
C GLY A 214 -15.68 -0.82 -30.74
N ASP A 215 -14.81 -0.80 -29.73
CA ASP A 215 -15.26 -0.80 -28.33
C ASP A 215 -14.77 0.45 -27.55
N GLY A 216 -15.46 0.80 -26.46
CA GLY A 216 -15.24 2.06 -25.77
C GLY A 216 -13.85 2.23 -25.19
N ALA A 217 -13.40 3.45 -24.92
CA ALA A 217 -12.15 3.60 -24.19
C ALA A 217 -12.15 4.83 -23.27
N LEU A 218 -11.50 4.69 -22.13
CA LEU A 218 -11.48 5.73 -21.09
C LEU A 218 -10.42 6.79 -21.47
N LEU A 219 -10.87 8.04 -21.54
CA LEU A 219 -10.02 9.20 -21.73
C LEU A 219 -9.62 9.62 -20.31
N ASP A 220 -8.51 9.05 -19.85
CA ASP A 220 -8.08 9.14 -18.44
C ASP A 220 -6.93 10.12 -18.34
N SER A 221 -7.11 11.22 -17.62
CA SER A 221 -6.01 12.17 -17.38
C SER A 221 -4.95 11.62 -16.48
N GLY A 222 -5.31 10.61 -15.70
CA GLY A 222 -4.43 10.09 -14.68
C GLY A 222 -3.95 8.69 -14.92
N THR A 223 -3.97 8.29 -16.19
CA THR A 223 -3.18 7.14 -16.62
C THR A 223 -2.07 7.71 -17.43
N THR A 224 -0.87 7.17 -17.31
CA THR A 224 0.26 7.79 -17.97
C THR A 224 0.29 7.36 -19.40
N LEU A 225 -0.07 6.11 -19.62
CA LEU A 225 0.21 5.44 -20.87
C LEU A 225 -1.08 4.98 -21.46
N THR A 226 -1.01 4.19 -22.52
CA THR A 226 -2.20 3.69 -23.17
C THR A 226 -2.35 2.17 -23.08
N TYR A 227 -3.52 1.71 -22.62
CA TYR A 227 -3.78 0.27 -22.46
C TYR A 227 -4.92 -0.30 -23.36
N PHE A 228 -4.76 -1.57 -23.76
CA PHE A 228 -5.70 -2.35 -24.58
C PHE A 228 -5.84 -3.77 -24.06
N PRO A 229 -6.92 -4.47 -24.42
CA PRO A 229 -6.98 -5.91 -24.12
C PRO A 229 -5.78 -6.67 -24.71
N SER A 230 -5.33 -7.71 -24.00
CA SER A 230 -4.12 -8.44 -24.33
C SER A 230 -4.10 -8.85 -25.79
N ASP A 231 -5.19 -9.50 -26.24
CA ASP A 231 -5.33 -9.97 -27.63
C ASP A 231 -5.02 -8.84 -28.62
N PHE A 232 -5.65 -7.70 -28.37
CA PHE A 232 -5.59 -6.56 -29.29
C PHE A 232 -4.23 -5.98 -29.16
N ALA A 233 -3.91 -5.59 -27.94
CA ALA A 233 -2.60 -5.06 -27.63
C ALA A 233 -1.50 -5.93 -28.24
N ALA A 234 -1.71 -7.25 -28.26
CA ALA A 234 -0.76 -8.18 -28.90
C ALA A 234 -0.61 -7.94 -30.37
N GLN A 235 -1.72 -7.78 -31.07
CA GLN A 235 -1.64 -7.60 -32.52
C GLN A 235 -0.87 -6.32 -32.79
N LEU A 236 -1.12 -5.31 -31.97
CA LEU A 236 -0.44 -4.01 -32.11
C LEU A 236 1.08 -4.16 -31.86
N ALA A 237 1.46 -4.94 -30.85
CA ALA A 237 2.86 -5.06 -30.46
C ALA A 237 3.68 -5.68 -31.55
N ASP A 238 3.11 -6.72 -32.15
CA ASP A 238 3.67 -7.40 -33.30
C ASP A 238 4.19 -6.39 -34.33
N LYS A 239 3.23 -5.64 -34.88
CA LYS A 239 3.42 -4.77 -36.04
C LYS A 239 4.48 -3.70 -35.73
N ALA A 240 4.54 -3.27 -34.47
CA ALA A 240 5.53 -2.28 -34.01
C ALA A 240 6.84 -2.90 -33.52
N GLY A 241 6.84 -4.20 -33.27
CA GLY A 241 8.03 -4.89 -32.77
C GLY A 241 8.28 -4.59 -31.31
N ALA A 242 7.26 -4.83 -30.49
CA ALA A 242 7.44 -4.76 -29.05
C ALA A 242 7.46 -6.17 -28.52
N ARG A 243 8.18 -6.38 -27.43
CA ARG A 243 8.29 -7.67 -26.77
C ARG A 243 7.57 -7.59 -25.46
N LEU A 244 6.68 -8.52 -25.20
CA LEU A 244 6.13 -8.66 -23.87
C LEU A 244 7.20 -9.29 -22.99
N VAL A 245 7.33 -8.77 -21.76
CA VAL A 245 8.47 -9.10 -20.89
C VAL A 245 8.10 -9.21 -19.42
N GLN A 246 7.92 -10.45 -18.95
CA GLN A 246 7.59 -10.69 -17.54
C GLN A 246 8.62 -10.02 -16.65
N VAL A 247 8.14 -9.21 -15.71
CA VAL A 247 8.98 -8.63 -14.64
C VAL A 247 8.46 -8.94 -13.22
N ALA A 248 7.25 -9.51 -13.13
CA ALA A 248 6.66 -9.96 -11.84
C ALA A 248 5.88 -11.26 -12.04
N ARG A 249 5.26 -11.75 -10.96
CA ARG A 249 4.50 -13.00 -11.04
C ARG A 249 3.45 -12.96 -12.17
N ASP A 250 2.44 -12.11 -12.00
CA ASP A 250 1.36 -11.99 -13.00
C ASP A 250 1.43 -10.70 -13.81
N GLN A 251 2.37 -9.79 -13.50
CA GLN A 251 2.51 -8.56 -14.28
C GLN A 251 3.49 -8.71 -15.44
N TYR A 252 2.99 -8.41 -16.64
CA TYR A 252 3.79 -8.36 -17.86
C TYR A 252 3.84 -6.89 -18.30
N LEU A 253 4.86 -6.53 -19.11
CA LEU A 253 4.96 -5.17 -19.71
C LEU A 253 5.70 -5.26 -21.05
N TYR A 254 5.15 -4.62 -22.08
CA TYR A 254 5.83 -4.50 -23.37
C TYR A 254 7.06 -3.61 -23.28
N PHE A 255 8.23 -4.17 -23.58
CA PHE A 255 9.43 -3.36 -23.77
C PHE A 255 9.60 -3.17 -25.27
N ILE A 256 10.39 -2.17 -25.66
CA ILE A 256 10.78 -1.95 -27.06
C ILE A 256 12.23 -1.51 -27.19
N ASP A 257 12.87 -1.92 -28.29
CA ASP A 257 14.23 -1.51 -28.62
C ASP A 257 14.28 0.01 -28.54
N CYS A 258 15.21 0.53 -27.74
CA CYS A 258 15.26 1.97 -27.49
C CYS A 258 15.50 2.78 -28.76
N ASN A 259 16.11 2.14 -29.76
CA ASN A 259 16.42 2.83 -31.01
C ASN A 259 15.48 2.51 -32.14
N THR A 260 14.23 2.17 -31.81
CA THR A 260 13.22 1.89 -32.83
C THR A 260 12.86 3.19 -33.55
N ASP A 261 12.46 3.04 -34.88
CA ASP A 261 12.05 4.17 -35.70
C ASP A 261 10.74 4.75 -35.09
N THR A 262 10.65 6.06 -34.81
CA THR A 262 9.39 6.69 -34.31
C THR A 262 8.99 7.95 -35.13
N SER A 263 9.46 8.00 -36.37
CA SER A 263 9.03 9.02 -37.33
C SER A 263 7.54 8.92 -37.70
N GLY A 264 6.95 7.74 -37.56
CA GLY A 264 5.56 7.54 -37.88
C GLY A 264 4.61 8.28 -36.97
N THR A 265 3.31 8.04 -37.18
CA THR A 265 2.26 8.53 -36.31
C THR A 265 1.27 7.41 -36.15
N THR A 266 0.54 7.42 -35.04
CA THR A 266 -0.50 6.45 -34.77
C THR A 266 -1.85 7.15 -34.64
N VAL A 267 -2.83 6.63 -35.39
CA VAL A 267 -4.11 7.30 -35.60
C VAL A 267 -5.22 6.65 -34.78
N PHE A 268 -6.16 7.45 -34.30
CA PHE A 268 -7.28 6.92 -33.55
C PHE A 268 -8.55 7.47 -34.15
N ASN A 269 -9.35 6.56 -34.69
CA ASN A 269 -10.58 6.91 -35.35
C ASN A 269 -11.74 6.67 -34.42
N PHE A 270 -12.51 7.73 -34.20
CA PHE A 270 -13.72 7.67 -33.40
C PHE A 270 -14.94 7.81 -34.29
N GLY A 271 -16.11 7.91 -33.66
CA GLY A 271 -17.37 7.58 -34.31
C GLY A 271 -17.90 8.54 -35.35
N ASN A 272 -17.70 9.84 -35.12
CA ASN A 272 -18.38 10.86 -35.92
C ASN A 272 -17.53 11.44 -37.05
N GLY A 273 -16.50 10.72 -37.47
CA GLY A 273 -15.47 11.29 -38.33
C GLY A 273 -14.44 12.07 -37.52
N ALA A 274 -14.38 11.81 -36.22
CA ALA A 274 -13.35 12.40 -35.40
C ALA A 274 -12.06 11.62 -35.63
N LYS A 275 -10.93 12.29 -35.52
CA LYS A 275 -9.66 11.63 -35.71
C LYS A 275 -8.59 12.31 -34.88
N ILE A 276 -7.80 11.54 -34.16
CA ILE A 276 -6.67 12.09 -33.40
C ILE A 276 -5.46 11.31 -33.81
N THR A 277 -4.41 12.04 -34.17
CA THR A 277 -3.15 11.44 -34.59
C THR A 277 -2.12 11.59 -33.47
N VAL A 278 -1.41 10.52 -33.17
CA VAL A 278 -0.33 10.56 -32.18
C VAL A 278 1.04 10.19 -32.81
N PRO A 279 2.08 11.04 -32.58
CA PRO A 279 3.40 10.76 -33.11
C PRO A 279 3.99 9.63 -32.33
N ASN A 280 4.78 8.78 -32.98
CA ASN A 280 5.23 7.56 -32.35
C ASN A 280 6.22 7.71 -31.18
N THR A 281 6.89 8.86 -31.05
CA THR A 281 7.73 9.10 -29.86
C THR A 281 6.95 8.83 -28.56
N GLU A 282 5.64 9.00 -28.59
CA GLU A 282 4.82 8.72 -27.44
C GLU A 282 4.79 7.23 -27.04
N TYR A 283 5.39 6.38 -27.85
CA TYR A 283 5.39 4.95 -27.58
C TYR A 283 6.75 4.40 -27.17
N VAL A 284 7.74 5.28 -27.05
CA VAL A 284 8.95 4.95 -26.31
C VAL A 284 9.01 5.82 -25.05
N TYR A 285 9.01 5.14 -23.91
CA TYR A 285 9.07 5.77 -22.63
C TYR A 285 10.41 5.29 -22.10
N GLN A 286 11.13 6.18 -21.41
CA GLN A 286 12.45 5.84 -20.87
C GLN A 286 12.34 5.30 -19.45
N ASN A 287 13.03 4.18 -19.21
CA ASN A 287 13.35 3.72 -17.87
C ASN A 287 14.74 4.27 -17.55
N GLY A 288 14.90 4.80 -16.33
CA GLY A 288 16.19 5.40 -15.89
C GLY A 288 17.44 4.75 -16.47
N ASP A 289 17.46 3.42 -16.50
CA ASP A 289 18.56 2.63 -17.05
C ASP A 289 18.61 2.69 -18.60
N GLY A 290 19.17 1.67 -19.25
CA GLY A 290 19.22 1.63 -20.71
C GLY A 290 18.09 0.88 -21.42
N THR A 291 16.90 0.80 -20.80
CA THR A 291 15.75 0.16 -21.44
C THR A 291 14.64 1.14 -21.69
N CYS A 292 13.77 0.80 -22.64
CA CYS A 292 12.64 1.65 -22.96
C CYS A 292 11.33 0.85 -23.00
N LEU A 293 10.30 1.40 -22.36
CA LEU A 293 8.97 0.77 -22.35
C LEU A 293 8.17 1.18 -23.56
N TRP A 294 7.30 0.31 -24.01
CA TRP A 294 6.33 0.68 -25.03
C TRP A 294 5.24 1.51 -24.38
N GLY A 295 4.77 2.56 -25.07
CA GLY A 295 3.76 3.46 -24.53
C GLY A 295 2.36 2.88 -24.55
N ILE A 296 2.26 1.69 -25.17
CA ILE A 296 1.04 0.92 -25.24
C ILE A 296 1.19 -0.35 -24.42
N GLN A 297 0.23 -0.64 -23.54
CA GLN A 297 0.29 -1.83 -22.67
C GLN A 297 -1.02 -2.63 -22.66
N PRO A 298 -0.99 -3.89 -22.19
CA PRO A 298 -2.23 -4.65 -22.18
C PRO A 298 -2.91 -4.58 -20.82
N SER A 299 -4.21 -4.79 -20.82
CA SER A 299 -5.02 -4.62 -19.61
C SER A 299 -6.44 -5.06 -19.89
N ASP A 300 -7.21 -5.33 -18.83
CA ASP A 300 -8.63 -5.67 -18.97
C ASP A 300 -9.44 -4.51 -19.56
N ASP A 301 -9.05 -3.27 -19.23
CA ASP A 301 -9.79 -2.07 -19.59
C ASP A 301 -9.01 -1.22 -20.58
N THR A 302 -9.67 -0.63 -21.58
CA THR A 302 -8.93 0.22 -22.55
C THR A 302 -8.78 1.57 -21.91
N ILE A 303 -7.59 2.15 -22.01
CA ILE A 303 -7.39 3.52 -21.48
C ILE A 303 -6.50 4.32 -22.38
N LEU A 304 -6.98 5.46 -22.82
CA LEU A 304 -6.16 6.42 -23.54
C LEU A 304 -5.72 7.37 -22.48
N GLY A 305 -4.43 7.37 -22.22
CA GLY A 305 -3.91 8.08 -21.06
C GLY A 305 -3.14 9.26 -21.53
N ASP A 306 -2.18 9.68 -20.73
CA ASP A 306 -1.46 10.92 -20.97
C ASP A 306 -0.81 10.90 -22.30
N ASN A 307 -0.16 9.80 -22.62
CA ASN A 307 0.55 9.76 -23.89
C ASN A 307 -0.35 9.85 -25.10
N PHE A 308 -1.64 9.58 -24.97
CA PHE A 308 -2.58 9.87 -26.09
C PHE A 308 -3.17 11.29 -25.99
N LEU A 309 -3.66 11.60 -24.79
CA LEU A 309 -4.39 12.82 -24.52
C LEU A 309 -3.62 14.10 -24.71
N ARG A 310 -2.29 14.05 -24.76
CA ARG A 310 -1.51 15.25 -25.10
C ARG A 310 -1.98 15.84 -26.43
N HIS A 311 -2.49 14.96 -27.28
CA HIS A 311 -2.67 15.27 -28.68
C HIS A 311 -4.10 15.54 -29.07
N ALA A 312 -4.90 15.90 -28.09
CA ALA A 312 -6.27 16.27 -28.33
C ALA A 312 -6.67 17.40 -27.36
N TYR A 313 -7.62 18.20 -27.81
CA TYR A 313 -8.33 19.15 -26.98
C TYR A 313 -9.65 18.46 -26.66
N LEU A 314 -10.17 18.63 -25.45
CA LEU A 314 -11.27 17.78 -25.01
C LEU A 314 -12.29 18.53 -24.21
N LEU A 315 -13.54 18.50 -24.65
CA LEU A 315 -14.56 19.23 -23.94
C LEU A 315 -15.48 18.25 -23.33
N TYR A 316 -15.11 17.88 -22.12
CA TYR A 316 -15.90 17.02 -21.32
C TYR A 316 -17.12 17.78 -20.88
N ASN A 317 -18.23 17.07 -20.83
CA ASN A 317 -19.50 17.61 -20.43
C ASN A 317 -20.27 16.52 -19.77
N LEU A 318 -20.41 16.62 -18.47
CA LEU A 318 -20.99 15.54 -17.66
C LEU A 318 -22.51 15.66 -17.55
N ASP A 319 -23.02 16.85 -17.81
CA ASP A 319 -24.46 17.07 -17.88
C ASP A 319 -25.00 16.70 -19.25
N ALA A 320 -24.12 16.57 -20.25
CA ALA A 320 -24.54 16.21 -21.59
C ALA A 320 -24.38 14.73 -21.77
N ASN A 321 -23.37 14.17 -21.13
CA ASN A 321 -22.91 12.86 -21.49
C ASN A 321 -22.29 12.97 -22.91
N THR A 322 -21.42 13.97 -23.08
CA THR A 322 -20.55 14.07 -24.27
C THR A 322 -19.11 14.48 -23.93
N ILE A 323 -18.17 13.97 -24.73
CA ILE A 323 -16.78 14.47 -24.75
C ILE A 323 -16.40 14.83 -26.18
N SER A 324 -16.24 16.13 -26.44
CA SER A 324 -15.88 16.58 -27.78
C SER A 324 -14.39 16.53 -27.94
N ILE A 325 -13.94 16.16 -29.14
CA ILE A 325 -12.52 16.05 -29.45
C ILE A 325 -12.14 16.83 -30.70
N ALA A 326 -10.89 17.23 -30.77
CA ALA A 326 -10.31 17.83 -31.94
C ALA A 326 -8.81 17.72 -31.86
N GLN A 327 -8.18 17.40 -33.00
CA GLN A 327 -6.73 17.34 -33.09
C GLN A 327 -6.14 18.55 -32.35
N VAL A 328 -5.06 18.34 -31.59
CA VAL A 328 -4.52 19.42 -30.76
C VAL A 328 -3.62 20.38 -31.56
N LYS A 329 -3.71 21.66 -31.22
CA LYS A 329 -2.79 22.70 -31.67
C LYS A 329 -2.08 23.26 -30.42
N TYR A 330 -0.72 23.34 -30.53
CA TYR A 330 0.11 23.94 -29.48
C TYR A 330 0.44 25.43 -29.75
N THR A 331 0.15 26.28 -28.76
CA THR A 331 0.41 27.71 -28.88
C THR A 331 0.46 28.36 -27.50
N THR A 332 0.99 29.60 -27.45
CA THR A 332 0.82 30.43 -26.26
C THR A 332 -0.63 30.95 -26.21
N ASP A 333 -1.28 31.02 -27.40
CA ASP A 333 -2.59 31.66 -27.61
C ASP A 333 -3.65 31.01 -26.74
N SER A 334 -4.88 31.64 -26.90
CA SER A 334 -6.05 31.08 -26.27
C SER A 334 -7.36 31.86 -26.58
N SER A 335 -8.60 31.25 -26.37
CA SER A 335 -9.86 32.06 -26.39
C SER A 335 -11.02 31.19 -25.83
N ILE A 336 -11.61 31.63 -24.72
CA ILE A 336 -12.46 30.76 -23.84
C ILE A 336 -13.98 31.02 -23.99
N SER A 337 -14.74 29.99 -23.77
CA SER A 337 -16.16 30.16 -23.86
C SER A 337 -16.98 29.39 -22.82
N ALA A 338 -17.48 30.27 -21.92
CA ALA A 338 -18.24 29.80 -20.72
C ALA A 338 -19.58 29.13 -21.10
N VAL A 339 -19.50 27.87 -21.60
CA VAL A 339 -20.58 27.03 -21.97
C VAL A 339 -21.41 26.72 -20.74
N ASP B 1 -0.44 -31.01 23.45
CA ASP B 1 0.64 -31.71 22.70
C ASP B 1 1.65 -30.70 22.13
N SER B 2 2.63 -31.18 21.38
CA SER B 2 3.68 -30.30 20.86
C SER B 2 3.67 -30.37 19.34
N ILE B 3 3.57 -29.18 18.73
CA ILE B 3 3.65 -29.04 17.28
C ILE B 3 4.80 -28.09 16.98
N SER B 4 5.90 -28.66 16.52
CA SER B 4 7.06 -27.91 16.12
C SER B 4 6.80 -27.54 14.69
N LEU B 5 6.87 -26.25 14.38
CA LEU B 5 6.92 -25.79 13.00
C LEU B 5 8.24 -25.05 12.79
N SER B 6 8.87 -25.34 11.65
CA SER B 6 10.17 -24.80 11.32
C SER B 6 10.01 -23.33 10.95
N LEU B 7 10.89 -22.50 11.50
CA LEU B 7 10.95 -21.11 11.10
C LEU B 7 12.06 -20.99 10.09
N ILE B 8 11.70 -20.51 8.91
CA ILE B 8 12.64 -20.20 7.86
C ILE B 8 13.16 -18.79 8.09
N ASN B 9 14.48 -18.67 8.17
CA ASN B 9 15.14 -17.39 8.32
C ASN B 9 15.19 -16.75 6.96
N GLU B 10 14.20 -15.92 6.66
CA GLU B 10 14.19 -15.19 5.39
C GLU B 10 15.21 -14.05 5.40
N GLY B 11 15.73 -13.70 6.59
CA GLY B 11 16.68 -12.59 6.78
C GLY B 11 16.14 -11.63 7.84
N PRO B 12 15.23 -10.71 7.43
CA PRO B 12 14.43 -9.75 8.19
C PRO B 12 13.19 -10.30 8.89
N SER B 13 12.72 -11.47 8.49
CA SER B 13 11.65 -12.13 9.20
C SER B 13 11.77 -13.64 9.16
N TYR B 14 10.99 -14.30 9.99
CA TYR B 14 11.03 -15.73 10.00
C TYR B 14 9.63 -16.20 9.58
N ALA B 15 9.58 -17.02 8.52
CA ALA B 15 8.31 -17.51 7.96
C ALA B 15 8.11 -18.98 8.31
N SER B 16 6.89 -19.44 8.10
CA SER B 16 6.57 -20.84 8.32
C SER B 16 5.48 -21.28 7.32
N LYS B 17 5.65 -22.49 6.81
CA LYS B 17 4.70 -23.06 5.89
C LYS B 17 3.37 -23.41 6.57
N VAL B 18 2.28 -22.87 6.05
CA VAL B 18 0.97 -23.21 6.53
C VAL B 18 0.15 -23.62 5.31
N SER B 19 -0.61 -24.71 5.40
CA SER B 19 -1.52 -25.09 4.32
C SER B 19 -2.94 -24.66 4.67
N VAL B 20 -3.71 -24.31 3.65
CA VAL B 20 -5.02 -23.69 3.85
C VAL B 20 -6.05 -24.31 2.89
N GLY B 21 -7.19 -24.73 3.44
CA GLY B 21 -8.34 -25.27 2.69
C GLY B 21 -8.35 -26.79 2.57
N SER B 22 -9.34 -27.28 1.82
CA SER B 22 -9.53 -28.71 1.60
C SER B 22 -8.39 -29.31 0.78
N ASN B 23 -8.00 -28.61 -0.29
CA ASN B 23 -6.82 -29.02 -1.12
C ASN B 23 -5.47 -28.56 -0.58
N LYS B 24 -5.47 -28.02 0.63
CA LYS B 24 -4.25 -27.77 1.39
C LYS B 24 -3.16 -26.98 0.65
N GLN B 25 -3.47 -25.74 0.28
CA GLN B 25 -2.57 -24.89 -0.49
C GLN B 25 -1.49 -24.32 0.42
N GLN B 26 -0.23 -24.48 0.03
CA GLN B 26 0.83 -24.09 0.91
C GLN B 26 1.10 -22.60 0.78
N GLN B 27 0.88 -21.87 1.88
CA GLN B 27 1.34 -20.49 2.03
C GLN B 27 2.58 -20.51 2.89
N THR B 28 3.54 -19.64 2.58
CA THR B 28 4.60 -19.36 3.53
C THR B 28 4.19 -18.05 4.17
N VAL B 29 4.24 -17.97 5.49
CA VAL B 29 3.82 -16.75 6.13
C VAL B 29 4.63 -16.41 7.33
N ILE B 30 4.80 -15.12 7.54
CA ILE B 30 5.55 -14.64 8.67
C ILE B 30 4.90 -15.12 9.97
N ILE B 31 5.70 -15.57 10.94
CA ILE B 31 5.14 -15.80 12.25
C ILE B 31 5.30 -14.56 13.09
N ASP B 32 4.16 -14.00 13.53
CA ASP B 32 4.08 -12.65 14.08
C ASP B 32 3.44 -12.68 15.47
N THR B 33 4.29 -12.57 16.52
CA THR B 33 3.81 -12.38 17.92
C THR B 33 3.43 -10.92 18.11
N GLY B 34 3.65 -10.11 17.07
CA GLY B 34 3.21 -8.74 17.12
C GLY B 34 1.77 -8.52 16.72
N SER B 35 1.19 -9.42 15.93
CA SER B 35 -0.18 -9.27 15.46
C SER B 35 -0.95 -10.46 15.90
N SER B 36 -2.25 -10.42 15.65
CA SER B 36 -3.18 -11.52 16.06
C SER B 36 -4.02 -12.14 14.96
N ASP B 37 -3.82 -11.68 13.72
CA ASP B 37 -4.69 -12.05 12.64
C ASP B 37 -3.85 -12.77 11.63
N PHE B 38 -4.44 -13.76 10.94
CA PHE B 38 -3.76 -14.64 9.97
C PHE B 38 -4.32 -14.37 8.57
N TRP B 39 -3.55 -13.69 7.73
CA TRP B 39 -4.03 -13.34 6.40
C TRP B 39 -3.12 -13.93 5.36
N VAL B 40 -3.74 -14.29 4.23
CA VAL B 40 -3.01 -14.87 3.09
C VAL B 40 -3.25 -14.00 1.83
N VAL B 41 -2.25 -14.05 0.98
CA VAL B 41 -2.28 -13.45 -0.32
C VAL B 41 -3.29 -14.25 -1.19
N ASP B 42 -4.24 -13.55 -1.80
CA ASP B 42 -5.15 -14.18 -2.71
C ASP B 42 -4.46 -14.24 -4.08
N SER B 43 -4.77 -15.29 -4.87
CA SER B 43 -4.27 -15.50 -6.23
C SER B 43 -4.45 -14.29 -7.09
N ASN B 44 -5.69 -13.79 -7.10
CA ASN B 44 -6.09 -12.68 -7.94
C ASN B 44 -6.00 -11.35 -7.20
N ALA B 45 -5.10 -11.27 -6.22
CA ALA B 45 -4.82 -10.02 -5.50
C ALA B 45 -3.88 -9.15 -6.32
N GLN B 46 -4.11 -7.85 -6.27
CA GLN B 46 -3.23 -6.88 -6.90
C GLN B 46 -2.19 -6.48 -5.84
N CYS B 47 -0.92 -6.79 -6.10
CA CYS B 47 0.19 -6.40 -5.22
C CYS B 47 0.51 -4.91 -5.39
N GLY B 48 0.60 -4.20 -4.27
CA GLY B 48 1.07 -2.81 -4.25
C GLY B 48 2.28 -2.57 -5.13
N LYS B 49 2.43 -1.32 -5.56
CA LYS B 49 3.46 -0.90 -6.51
C LYS B 49 4.84 -1.34 -6.01
N GLY B 50 5.52 -2.18 -6.80
CA GLY B 50 6.87 -2.65 -6.47
C GLY B 50 6.98 -3.84 -5.53
N VAL B 51 5.86 -4.27 -4.93
CA VAL B 51 5.83 -5.44 -4.07
C VAL B 51 5.60 -6.70 -4.92
N ASP B 52 6.39 -7.74 -4.65
CA ASP B 52 6.16 -9.07 -5.21
C ASP B 52 5.54 -9.95 -4.12
N CYS B 53 4.27 -9.71 -3.86
CA CYS B 53 3.54 -10.38 -2.79
C CYS B 53 3.05 -11.83 -3.13
N LYS B 54 3.28 -12.30 -4.37
CA LYS B 54 2.81 -13.63 -4.79
C LYS B 54 3.87 -14.76 -4.79
N SER B 55 5.13 -14.41 -4.63
CA SER B 55 6.22 -15.37 -4.73
C SER B 55 6.41 -16.22 -3.46
N SER B 56 5.61 -15.97 -2.43
CA SER B 56 5.58 -16.85 -1.29
C SER B 56 4.25 -17.56 -1.25
N GLY B 57 3.72 -17.94 -2.41
CA GLY B 57 2.55 -18.83 -2.49
C GLY B 57 1.25 -18.12 -2.25
N THR B 58 0.17 -18.64 -2.84
CA THR B 58 -1.09 -17.91 -2.86
C THR B 58 -2.31 -18.69 -2.38
N PHE B 59 -3.41 -17.97 -2.15
CA PHE B 59 -4.67 -18.57 -1.81
C PHE B 59 -5.82 -18.22 -2.77
N THR B 60 -6.47 -19.27 -3.27
CA THR B 60 -7.58 -19.25 -4.20
C THR B 60 -8.84 -19.86 -3.55
N PRO B 61 -9.67 -19.06 -2.87
CA PRO B 61 -10.83 -19.60 -2.13
C PRO B 61 -11.71 -20.59 -2.90
N SER B 62 -11.96 -20.29 -4.18
CA SER B 62 -12.94 -21.04 -4.99
C SER B 62 -12.62 -22.55 -5.23
N SER B 63 -11.35 -22.89 -5.04
CA SER B 63 -10.83 -24.26 -5.16
C SER B 63 -11.05 -25.11 -3.89
N SER B 64 -11.20 -24.43 -2.75
CA SER B 64 -11.48 -25.11 -1.46
C SER B 64 -12.99 -25.17 -1.15
N SER B 65 -13.47 -26.40 -0.91
CA SER B 65 -14.90 -26.66 -0.72
C SER B 65 -15.41 -26.29 0.65
N SER B 66 -14.50 -26.09 1.60
CA SER B 66 -14.86 -25.63 2.96
C SER B 66 -14.66 -24.13 3.16
N TYR B 67 -14.14 -23.41 2.16
CA TYR B 67 -13.97 -21.98 2.36
C TYR B 67 -15.32 -21.35 2.48
N LYS B 68 -15.62 -20.82 3.66
CA LYS B 68 -16.80 -19.98 3.82
C LYS B 68 -16.44 -18.50 3.80
N ASN B 69 -17.40 -17.68 3.42
CA ASN B 69 -17.21 -16.24 3.42
C ASN B 69 -18.02 -15.64 4.53
N LEU B 70 -17.41 -14.72 5.26
CA LEU B 70 -18.10 -14.03 6.33
C LEU B 70 -18.84 -12.79 5.86
N GLY B 71 -18.42 -12.22 4.73
CA GLY B 71 -19.03 -11.00 4.21
C GLY B 71 -18.66 -9.76 4.99
N ALA B 72 -17.51 -9.78 5.65
CA ALA B 72 -17.04 -8.59 6.37
C ALA B 72 -15.66 -8.17 5.86
N ALA B 73 -15.52 -6.85 5.71
CA ALA B 73 -14.30 -6.24 5.25
C ALA B 73 -13.17 -6.40 6.29
N PHE B 74 -11.95 -6.23 5.77
CA PHE B 74 -10.75 -6.51 6.52
C PHE B 74 -9.59 -5.55 6.15
N THR B 75 -9.05 -4.86 7.14
CA THR B 75 -7.94 -3.97 6.91
C THR B 75 -7.02 -3.86 8.11
N ILE B 76 -5.73 -3.92 7.81
CA ILE B 76 -4.71 -3.86 8.81
C ILE B 76 -3.60 -3.00 8.28
N ARG B 77 -2.82 -2.41 9.18
CA ARG B 77 -1.59 -1.73 8.78
C ARG B 77 -0.52 -2.01 9.78
N TYR B 78 0.72 -2.12 9.29
CA TYR B 78 1.86 -2.46 10.11
C TYR B 78 2.74 -1.23 10.41
N GLY B 79 3.61 -1.38 11.40
CA GLY B 79 4.35 -0.26 11.94
C GLY B 79 5.27 0.41 10.95
N ASP B 80 5.62 -0.31 9.88
CA ASP B 80 6.47 0.26 8.84
C ASP B 80 5.69 0.92 7.66
N GLY B 81 4.35 0.92 7.73
CA GLY B 81 3.52 1.43 6.64
C GLY B 81 2.89 0.38 5.72
N SER B 82 3.26 -0.87 5.87
CA SER B 82 2.64 -1.86 5.03
C SER B 82 1.19 -1.99 5.49
N THR B 83 0.33 -2.33 4.54
CA THR B 83 -1.09 -2.41 4.73
C THR B 83 -1.55 -3.66 4.03
N SER B 84 -2.78 -4.04 4.25
CA SER B 84 -3.36 -5.19 3.60
C SER B 84 -4.87 -5.06 3.77
N GLN B 85 -5.60 -5.17 2.64
CA GLN B 85 -7.04 -5.13 2.65
C GLN B 85 -7.52 -6.39 2.01
N GLY B 86 -8.71 -6.81 2.45
CA GLY B 86 -9.42 -7.93 1.83
C GLY B 86 -10.74 -8.25 2.52
N THR B 87 -10.94 -9.52 2.86
CA THR B 87 -12.25 -10.07 3.20
C THR B 87 -12.12 -11.17 4.24
N TRP B 88 -13.08 -11.23 5.16
CA TRP B 88 -13.06 -12.22 6.22
C TRP B 88 -13.71 -13.51 5.75
N GLY B 89 -13.17 -14.63 6.21
CA GLY B 89 -13.59 -15.93 5.78
C GLY B 89 -13.19 -16.94 6.82
N LYS B 90 -13.48 -18.22 6.57
CA LYS B 90 -13.16 -19.31 7.48
C LYS B 90 -12.74 -20.52 6.69
N ASP B 91 -11.83 -21.32 7.24
CA ASP B 91 -11.43 -22.53 6.51
C ASP B 91 -10.52 -23.40 7.35
N THR B 92 -9.96 -24.40 6.70
CA THR B 92 -9.20 -25.46 7.34
C THR B 92 -7.74 -25.09 7.27
N VAL B 93 -7.06 -25.19 8.41
CA VAL B 93 -5.63 -24.87 8.51
C VAL B 93 -4.85 -26.08 9.00
N THR B 94 -3.72 -26.33 8.32
CA THR B 94 -2.87 -27.46 8.56
C THR B 94 -1.48 -26.90 8.80
N ILE B 95 -0.87 -27.29 9.93
CA ILE B 95 0.43 -26.77 10.35
C ILE B 95 1.34 -27.95 10.56
N ASN B 96 2.16 -28.24 9.55
CA ASN B 96 2.97 -29.47 9.57
C ASN B 96 2.16 -30.71 10.05
N GLY B 97 1.17 -31.08 9.26
CA GLY B 97 0.36 -32.27 9.55
C GLY B 97 -0.97 -32.01 10.26
N VAL B 98 -0.92 -31.36 11.43
CA VAL B 98 -2.11 -31.19 12.26
C VAL B 98 -3.11 -30.20 11.62
N SER B 99 -4.41 -30.39 11.87
CA SER B 99 -5.52 -29.68 11.19
C SER B 99 -6.56 -29.07 12.12
N ILE B 100 -6.87 -27.78 11.94
CA ILE B 100 -8.04 -27.16 12.61
C ILE B 100 -9.13 -26.70 11.60
N THR B 101 -10.39 -27.00 11.90
CA THR B 101 -11.50 -26.68 10.98
C THR B 101 -12.12 -25.32 11.25
N GLY B 102 -12.60 -24.67 10.16
CA GLY B 102 -13.23 -23.36 10.22
C GLY B 102 -12.48 -22.39 11.12
N GLN B 103 -11.18 -22.23 10.86
CA GLN B 103 -10.41 -21.13 11.42
C GLN B 103 -10.62 -19.84 10.60
N GLN B 104 -11.02 -18.77 11.29
CA GLN B 104 -11.31 -17.49 10.66
C GLN B 104 -10.02 -16.77 10.30
N ILE B 105 -9.88 -16.46 9.01
CA ILE B 105 -8.68 -15.90 8.43
C ILE B 105 -9.16 -14.77 7.56
N ALA B 106 -8.22 -13.99 7.00
CA ALA B 106 -8.58 -12.93 6.05
C ALA B 106 -7.98 -13.27 4.69
N ASP B 107 -8.83 -13.35 3.67
CA ASP B 107 -8.48 -13.42 2.23
C ASP B 107 -8.16 -12.00 1.70
N VAL B 108 -6.89 -11.76 1.34
CA VAL B 108 -6.39 -10.41 1.04
C VAL B 108 -6.23 -10.26 -0.46
N THR B 109 -6.98 -9.29 -1.00
CA THR B 109 -7.06 -9.01 -2.42
C THR B 109 -6.10 -7.88 -2.84
N GLN B 110 -5.42 -7.24 -1.87
CA GLN B 110 -4.56 -6.07 -2.16
C GLN B 110 -3.61 -5.70 -0.99
N THR B 111 -2.28 -5.72 -1.22
CA THR B 111 -1.26 -5.67 -0.13
C THR B 111 0.11 -5.06 -0.52
N SER B 112 0.64 -4.19 0.35
CA SER B 112 2.03 -3.73 0.21
C SER B 112 3.02 -4.59 1.01
N VAL B 113 2.57 -5.79 1.41
CA VAL B 113 3.43 -6.73 2.20
C VAL B 113 3.93 -7.91 1.31
N ASP B 114 5.12 -8.45 1.60
CA ASP B 114 5.78 -9.41 0.71
C ASP B 114 5.19 -10.84 0.72
N GLN B 115 4.42 -11.13 1.76
CA GLN B 115 3.84 -12.46 1.98
C GLN B 115 2.73 -12.34 3.00
N GLY B 116 2.00 -13.43 3.23
CA GLY B 116 0.97 -13.48 4.25
C GLY B 116 1.60 -13.39 5.63
N ILE B 117 0.78 -13.07 6.64
CA ILE B 117 1.20 -12.99 8.02
C ILE B 117 0.32 -13.86 8.90
N LEU B 118 0.93 -14.84 9.61
CA LEU B 118 0.26 -15.58 10.70
C LEU B 118 0.49 -14.82 12.02
N GLY B 119 -0.46 -13.98 12.39
CA GLY B 119 -0.36 -13.23 13.64
C GLY B 119 -0.89 -14.09 14.76
N ILE B 120 -0.06 -14.36 15.77
CA ILE B 120 -0.40 -15.32 16.80
C ILE B 120 -0.29 -14.79 18.23
N GLY B 121 -0.68 -13.54 18.42
CA GLY B 121 -0.82 -12.96 19.75
C GLY B 121 -2.25 -13.03 20.29
N TYR B 122 -2.56 -12.16 21.27
CA TYR B 122 -3.88 -12.05 21.91
C TYR B 122 -5.09 -11.68 20.99
N THR B 123 -6.20 -12.41 21.13
CA THR B 123 -7.38 -12.13 20.27
C THR B 123 -7.92 -10.74 20.52
N SER B 124 -7.54 -10.16 21.66
CA SER B 124 -7.92 -8.80 22.00
C SER B 124 -7.22 -7.85 21.05
N ASN B 125 -6.14 -8.28 20.39
CA ASN B 125 -5.42 -7.38 19.50
C ASN B 125 -5.70 -7.63 18.03
N GLU B 126 -6.79 -8.30 17.72
CA GLU B 126 -7.14 -8.53 16.33
C GLU B 126 -7.56 -7.23 15.66
N ALA B 127 -7.28 -7.13 14.36
CA ALA B 127 -7.67 -5.97 13.49
C ALA B 127 -9.13 -6.10 13.04
N VAL B 128 -10.09 -5.56 13.82
CA VAL B 128 -11.51 -5.66 13.53
C VAL B 128 -12.10 -4.31 13.14
N TYR B 129 -11.25 -3.29 13.01
CA TYR B 129 -11.72 -1.94 12.62
C TYR B 129 -11.44 -1.63 11.16
N ASP B 130 -12.20 -0.70 10.58
CA ASP B 130 -11.82 -0.09 9.32
C ASP B 130 -11.25 1.29 9.67
N THR B 131 -10.88 2.08 8.67
CA THR B 131 -10.06 3.25 8.97
C THR B 131 -10.73 4.25 9.91
N SER B 132 -12.04 4.20 10.01
CA SER B 132 -12.75 5.13 10.87
C SER B 132 -12.77 4.70 12.33
N GLY B 133 -12.43 3.44 12.60
CA GLY B 133 -12.56 2.87 13.95
C GLY B 133 -13.87 2.13 14.15
N ARG B 134 -14.69 2.09 13.10
CA ARG B 134 -15.97 1.41 13.14
C ARG B 134 -15.76 -0.10 12.88
N GLN B 135 -16.17 -0.89 13.87
CA GLN B 135 -16.12 -2.35 13.87
C GLN B 135 -16.59 -2.97 12.53
N THR B 136 -15.94 -4.06 12.12
CA THR B 136 -16.34 -4.77 10.89
C THR B 136 -16.60 -6.25 11.18
N THR B 137 -16.33 -6.66 12.40
CA THR B 137 -16.67 -8.03 12.83
C THR B 137 -16.31 -8.15 14.30
N PRO B 138 -16.86 -9.16 15.00
CA PRO B 138 -16.46 -9.26 16.40
C PRO B 138 -15.10 -9.87 16.49
N ASN B 139 -14.49 -9.71 17.66
CA ASN B 139 -13.29 -10.44 18.01
C ASN B 139 -13.60 -11.92 17.98
N TYR B 140 -12.62 -12.73 17.60
CA TYR B 140 -12.84 -14.11 17.20
C TYR B 140 -11.73 -14.98 17.70
N ASP B 141 -11.89 -16.30 17.59
CA ASP B 141 -10.81 -17.20 17.95
C ASP B 141 -9.79 -17.20 16.79
N ASN B 142 -8.61 -16.60 17.02
CA ASN B 142 -7.43 -16.78 16.18
C ASN B 142 -6.77 -18.16 16.39
N VAL B 143 -5.64 -18.42 15.73
CA VAL B 143 -5.15 -19.80 15.57
C VAL B 143 -4.80 -20.47 16.88
N PRO B 144 -3.92 -19.87 17.67
CA PRO B 144 -3.53 -20.50 18.92
C PRO B 144 -4.75 -20.90 19.75
N VAL B 145 -5.73 -19.99 19.82
CA VAL B 145 -6.96 -20.27 20.55
C VAL B 145 -7.72 -21.46 19.95
N THR B 146 -7.84 -21.53 18.61
CA THR B 146 -8.52 -22.66 17.95
C THR B 146 -7.81 -24.04 18.09
N LEU B 147 -6.49 -24.04 18.25
CA LEU B 147 -5.74 -25.25 18.50
C LEU B 147 -6.15 -25.91 19.83
N LYS B 148 -5.87 -25.20 20.91
CA LYS B 148 -6.24 -25.60 22.25
C LYS B 148 -7.69 -26.01 22.29
N LYS B 149 -8.55 -25.14 21.77
CA LYS B 149 -10.02 -25.37 21.81
C LYS B 149 -10.56 -26.57 20.99
N GLN B 150 -9.79 -27.11 20.05
CA GLN B 150 -10.17 -28.40 19.41
C GLN B 150 -9.50 -29.58 20.08
N GLY B 151 -8.83 -29.34 21.22
CA GLY B 151 -7.98 -30.35 21.86
C GLY B 151 -6.59 -30.62 21.25
N LYS B 152 -6.10 -29.79 20.33
CA LYS B 152 -4.72 -29.98 19.79
C LYS B 152 -3.54 -29.60 20.76
N ILE B 153 -3.71 -28.59 21.61
CA ILE B 153 -2.65 -28.22 22.53
C ILE B 153 -3.24 -28.05 23.94
N ARG B 154 -2.54 -28.50 24.96
CA ARG B 154 -3.16 -28.48 26.28
C ARG B 154 -3.61 -27.06 26.64
N THR B 155 -2.72 -26.10 26.38
CA THR B 155 -2.89 -24.69 26.75
C THR B 155 -2.34 -23.78 25.61
N ASN B 156 -2.84 -22.55 25.56
CA ASN B 156 -2.50 -21.57 24.49
C ASN B 156 -1.11 -21.00 24.77
N ALA B 157 -0.09 -21.61 24.23
CA ALA B 157 1.25 -21.13 24.54
C ALA B 157 2.13 -21.63 23.43
N TYR B 158 3.34 -21.10 23.37
CA TYR B 158 4.35 -21.55 22.38
C TYR B 158 5.69 -21.03 22.77
N SER B 159 6.73 -21.55 22.11
CA SER B 159 8.11 -21.17 22.38
C SER B 159 8.80 -20.80 21.13
N LEU B 160 9.80 -19.91 21.24
CA LEU B 160 10.47 -19.30 20.11
C LEU B 160 12.00 -19.40 20.10
N TYR B 161 12.48 -20.25 19.19
CA TYR B 161 13.91 -20.41 19.00
C TYR B 161 14.19 -19.97 17.55
N LEU B 162 14.86 -18.82 17.41
CA LEU B 162 15.20 -18.28 16.07
C LEU B 162 16.62 -18.54 15.61
N ASN B 163 17.50 -18.92 16.52
CA ASN B 163 18.76 -19.55 16.15
C ASN B 163 19.85 -18.53 15.91
N SER B 164 21.07 -19.00 15.75
CA SER B 164 22.16 -18.12 15.41
C SER B 164 21.66 -17.10 14.39
N PRO B 165 22.30 -15.92 14.32
CA PRO B 165 22.00 -14.92 13.32
C PRO B 165 22.35 -15.38 11.91
N SER B 166 22.92 -16.59 11.78
CA SER B 166 23.27 -17.15 10.46
C SER B 166 22.84 -18.62 10.45
N ALA B 167 21.79 -18.89 11.21
CA ALA B 167 21.21 -20.20 11.29
C ALA B 167 20.14 -20.19 10.23
N GLU B 168 19.84 -21.34 9.64
CA GLU B 168 18.91 -21.38 8.49
C GLU B 168 17.46 -21.68 8.92
N THR B 169 17.31 -22.56 9.90
CA THR B 169 16.01 -22.80 10.49
C THR B 169 16.05 -22.62 12.01
N GLY B 170 14.91 -22.25 12.57
CA GLY B 170 14.77 -22.00 13.99
C GLY B 170 13.48 -22.73 14.14
N THR B 171 12.91 -22.72 15.32
CA THR B 171 11.74 -23.56 15.55
C THR B 171 10.75 -23.00 16.58
N ILE B 172 9.47 -23.14 16.28
CA ILE B 172 8.42 -22.67 17.16
C ILE B 172 7.47 -23.81 17.49
N ILE B 173 7.23 -24.07 18.78
CA ILE B 173 6.44 -25.19 19.21
C ILE B 173 5.12 -24.66 19.72
N PHE B 174 4.02 -25.26 19.30
CA PHE B 174 2.75 -24.87 19.87
C PHE B 174 2.38 -25.83 20.99
N GLY B 175 2.10 -25.27 22.17
CA GLY B 175 1.68 -26.09 23.30
C GLY B 175 2.78 -27.03 23.79
N GLY B 176 4.04 -26.66 23.51
CA GLY B 176 5.23 -27.37 23.97
C GLY B 176 6.49 -26.47 24.07
N VAL B 177 7.48 -26.91 24.85
CA VAL B 177 8.75 -26.17 25.09
C VAL B 177 9.95 -27.09 25.14
N ASP B 178 11.04 -26.71 24.46
CA ASP B 178 12.30 -27.45 24.50
C ASP B 178 13.16 -26.98 25.69
N ASN B 179 13.50 -27.90 26.60
CA ASN B 179 14.29 -27.55 27.79
C ASN B 179 15.77 -27.81 27.59
N ALA B 180 16.26 -27.55 26.38
CA ALA B 180 17.61 -27.91 26.01
C ALA B 180 18.24 -26.99 24.95
N LYS B 181 17.66 -25.82 24.72
CA LYS B 181 18.43 -24.75 24.04
C LYS B 181 18.36 -23.45 24.82
N TYR B 182 18.31 -23.57 26.15
CA TYR B 182 18.42 -22.44 27.03
C TYR B 182 19.11 -22.85 28.32
N SER B 183 20.00 -22.01 28.85
CA SER B 183 20.65 -22.23 30.17
C SER B 183 19.81 -21.72 31.36
N GLY B 184 20.02 -22.30 32.54
CA GLY B 184 19.53 -21.69 33.76
C GLY B 184 18.10 -22.08 33.90
N LYS B 185 17.34 -21.33 34.71
CA LYS B 185 15.88 -21.51 34.76
C LYS B 185 15.25 -20.63 33.64
N LEU B 186 14.05 -21.01 33.22
CA LEU B 186 13.15 -20.10 32.53
C LEU B 186 12.52 -19.20 33.62
N VAL B 187 12.68 -17.88 33.43
CA VAL B 187 12.21 -16.89 34.38
C VAL B 187 10.88 -16.38 33.87
N ALA B 188 9.81 -16.81 34.52
CA ALA B 188 8.48 -16.39 34.13
C ALA B 188 8.42 -14.91 34.38
N GLU B 189 7.93 -14.12 33.43
CA GLU B 189 7.74 -12.66 33.59
C GLU B 189 6.29 -12.28 33.21
N GLN B 190 5.66 -11.37 33.98
CA GLN B 190 4.29 -10.95 33.71
C GLN B 190 4.10 -9.94 32.56
N VAL B 191 3.24 -10.33 31.63
CA VAL B 191 2.95 -9.56 30.46
C VAL B 191 2.20 -8.35 30.97
N THR B 192 2.65 -7.16 30.56
CA THR B 192 2.10 -5.92 31.10
C THR B 192 1.01 -5.32 30.25
N SER B 193 0.61 -5.97 29.15
CA SER B 193 -0.60 -5.56 28.51
C SER B 193 -1.60 -6.75 28.43
N SER B 194 -2.89 -6.48 28.25
CA SER B 194 -3.84 -7.56 27.93
C SER B 194 -4.09 -7.64 26.42
N GLN B 195 -3.54 -6.66 25.70
CA GLN B 195 -3.65 -6.61 24.27
C GLN B 195 -2.33 -6.95 23.62
N ALA B 196 -1.21 -6.90 24.32
CA ALA B 196 0.07 -6.97 23.65
C ALA B 196 1.06 -7.71 24.48
N LEU B 197 2.03 -8.34 23.79
CA LEU B 197 2.92 -9.28 24.43
C LEU B 197 4.14 -8.51 24.87
N THR B 198 3.94 -7.63 25.87
CA THR B 198 5.03 -6.87 26.50
C THR B 198 5.35 -7.37 27.91
N ILE B 199 6.61 -7.31 28.34
CA ILE B 199 7.07 -7.48 29.72
C ILE B 199 7.97 -6.26 30.18
N SER B 200 7.89 -5.83 31.42
CA SER B 200 8.76 -4.66 31.80
C SER B 200 10.21 -5.02 31.76
N LEU B 201 10.93 -4.22 30.97
CA LEU B 201 12.38 -4.15 30.95
C LEU B 201 12.80 -3.10 31.97
N ALA B 202 13.64 -3.48 32.92
CA ALA B 202 14.07 -2.53 33.97
C ALA B 202 15.18 -1.60 33.51
N SER B 203 16.10 -2.09 32.69
CA SER B 203 17.25 -1.29 32.26
C SER B 203 18.02 -1.98 31.16
N VAL B 204 18.79 -1.20 30.41
CA VAL B 204 19.70 -1.78 29.42
C VAL B 204 21.13 -1.38 29.71
N ASN B 205 22.03 -2.36 29.67
CA ASN B 205 23.46 -2.08 29.80
C ASN B 205 24.09 -2.07 28.42
N LEU B 206 24.52 -0.92 27.95
CA LEU B 206 25.26 -0.86 26.68
C LEU B 206 26.61 -0.21 26.94
N LYS B 207 27.66 -0.84 26.42
CA LYS B 207 29.02 -0.30 26.46
C LYS B 207 29.47 -0.02 27.90
N GLY B 208 29.09 -0.94 28.79
CA GLY B 208 29.49 -0.95 30.19
C GLY B 208 28.70 0.00 31.07
N SER B 209 27.87 0.84 30.42
CA SER B 209 27.00 1.80 31.09
C SER B 209 25.54 1.32 31.08
N SER B 210 24.89 1.54 32.23
CA SER B 210 23.56 1.06 32.51
C SER B 210 22.62 2.23 32.42
N PHE B 211 21.50 1.99 31.75
CA PHE B 211 20.50 3.03 31.42
C PHE B 211 19.13 2.57 31.87
N SER B 212 18.48 3.37 32.70
CA SER B 212 17.29 2.96 33.43
C SER B 212 16.13 3.16 32.52
N PHE B 213 15.18 2.23 32.51
CA PHE B 213 14.03 2.32 31.57
C PHE B 213 12.70 2.05 32.30
N GLY B 214 12.54 0.84 32.82
CA GLY B 214 11.38 0.54 33.68
C GLY B 214 10.01 0.57 33.01
N ASP B 215 9.90 0.15 31.76
CA ASP B 215 8.60 0.23 31.07
C ASP B 215 8.48 -0.90 30.02
N GLY B 216 7.27 -1.31 29.73
CA GLY B 216 7.03 -2.47 28.88
C GLY B 216 7.79 -2.50 27.59
N ALA B 217 8.09 -3.70 27.07
CA ALA B 217 8.62 -3.84 25.74
C ALA B 217 7.97 -5.03 25.01
N LEU B 218 7.55 -4.82 23.75
CA LEU B 218 6.88 -5.84 22.95
C LEU B 218 7.92 -6.85 22.42
N LEU B 219 7.74 -8.13 22.74
CA LEU B 219 8.65 -9.17 22.32
C LEU B 219 8.05 -9.63 21.00
N ASP B 220 8.51 -9.00 19.91
CA ASP B 220 7.89 -9.16 18.59
C ASP B 220 8.73 -10.09 17.71
N SER B 221 8.10 -11.11 17.16
CA SER B 221 8.83 -12.03 16.26
C SER B 221 8.87 -11.44 14.92
N GLY B 222 7.88 -10.62 14.63
CA GLY B 222 7.80 -9.93 13.34
C GLY B 222 8.22 -8.47 13.28
N THR B 223 9.06 -8.00 14.21
CA THR B 223 9.84 -6.79 13.97
C THR B 223 11.27 -7.23 13.75
N THR B 224 11.99 -6.54 12.89
CA THR B 224 13.34 -6.98 12.56
C THR B 224 14.35 -6.46 13.57
N LEU B 225 14.24 -5.19 13.93
CA LEU B 225 15.24 -4.56 14.81
C LEU B 225 14.59 -4.19 16.10
N THR B 226 15.24 -3.31 16.88
CA THR B 226 14.82 -3.01 18.23
C THR B 226 14.46 -1.51 18.43
N TYR B 227 13.22 -1.22 18.80
CA TYR B 227 12.78 0.19 18.91
C TYR B 227 12.55 0.71 20.38
N PHE B 228 12.94 1.98 20.63
CA PHE B 228 12.72 2.70 21.89
C PHE B 228 12.16 4.10 21.65
N PRO B 229 11.54 4.71 22.68
CA PRO B 229 11.13 6.12 22.54
C PRO B 229 12.35 6.94 22.24
N SER B 230 12.18 8.05 21.50
CA SER B 230 13.28 8.78 20.90
C SER B 230 14.19 9.32 21.98
N ASP B 231 13.64 9.92 23.02
CA ASP B 231 14.47 10.39 24.15
C ASP B 231 15.45 9.29 24.53
N PHE B 232 14.89 8.11 24.81
CA PHE B 232 15.67 6.99 25.33
C PHE B 232 16.62 6.51 24.27
N ALA B 233 16.08 6.16 23.12
CA ALA B 233 16.92 5.70 22.01
C ALA B 233 18.13 6.63 21.69
N ALA B 234 17.97 7.94 21.85
CA ALA B 234 19.08 8.89 21.62
C ALA B 234 20.17 8.84 22.66
N GLN B 235 19.80 8.54 23.90
CA GLN B 235 20.81 8.52 24.96
C GLN B 235 21.75 7.40 24.60
N LEU B 236 21.15 6.31 24.12
CA LEU B 236 21.86 5.12 23.63
C LEU B 236 22.71 5.39 22.36
N ALA B 237 22.16 6.13 21.40
CA ALA B 237 22.88 6.40 20.12
C ALA B 237 24.15 7.17 20.35
N ASP B 238 24.11 8.12 21.27
CA ASP B 238 25.31 8.84 21.67
C ASP B 238 26.40 7.83 22.15
N LYS B 239 26.01 6.90 23.02
CA LYS B 239 27.00 6.04 23.70
C LYS B 239 27.68 5.02 22.75
N ALA B 240 26.94 4.48 21.78
CA ALA B 240 27.52 3.62 20.74
C ALA B 240 28.09 4.41 19.56
N GLY B 241 27.79 5.72 19.49
CA GLY B 241 28.21 6.53 18.35
C GLY B 241 27.38 6.22 17.12
N ALA B 242 26.07 6.42 17.23
CA ALA B 242 25.17 6.29 16.09
C ALA B 242 24.69 7.67 15.72
N ARG B 243 24.41 7.89 14.44
CA ARG B 243 23.96 9.20 13.94
C ARG B 243 22.58 9.04 13.44
N LEU B 244 21.71 9.97 13.79
CA LEU B 244 20.37 10.00 13.22
C LEU B 244 20.44 10.69 11.88
N VAL B 245 19.76 10.10 10.89
CA VAL B 245 19.80 10.58 9.50
C VAL B 245 18.41 10.70 8.86
N GLN B 246 18.08 11.86 8.30
CA GLN B 246 16.82 12.04 7.57
C GLN B 246 16.79 11.28 6.24
N VAL B 247 15.65 10.62 5.97
CA VAL B 247 15.29 10.08 4.64
C VAL B 247 13.80 10.36 4.28
N ALA B 248 13.10 11.16 5.11
CA ALA B 248 11.64 11.41 5.00
C ALA B 248 11.15 12.42 6.03
N ARG B 249 9.86 12.71 6.00
CA ARG B 249 9.27 13.67 6.94
C ARG B 249 9.09 13.02 8.29
N ASP B 250 8.27 11.98 8.35
CA ASP B 250 8.05 11.28 9.62
C ASP B 250 8.91 10.00 9.69
N GLN B 251 10.10 10.04 9.09
CA GLN B 251 11.13 9.02 9.37
C GLN B 251 12.57 9.51 9.18
N TYR B 252 13.25 9.65 10.33
CA TYR B 252 14.69 9.53 10.39
C TYR B 252 15.01 8.05 10.79
N LEU B 253 16.26 7.63 10.61
CA LEU B 253 16.75 6.32 11.07
C LEU B 253 18.21 6.41 11.49
N TYR B 254 18.60 5.76 12.59
CA TYR B 254 20.00 5.74 13.02
C TYR B 254 20.92 5.03 12.05
N PHE B 255 21.95 5.72 11.61
CA PHE B 255 23.01 5.09 10.88
C PHE B 255 24.15 4.93 11.85
N ILE B 256 24.99 3.92 11.59
CA ILE B 256 26.20 3.68 12.38
C ILE B 256 27.35 3.31 11.46
N ASP B 257 28.55 3.73 11.83
CA ASP B 257 29.76 3.42 11.07
C ASP B 257 29.78 1.91 10.86
N CYS B 258 29.96 1.48 9.62
CA CYS B 258 29.99 0.05 9.32
C CYS B 258 31.12 -0.64 10.06
N ASN B 259 32.18 0.12 10.32
CA ASN B 259 33.42 -0.40 10.92
C ASN B 259 33.50 -0.09 12.40
N THR B 260 32.36 -0.14 13.08
CA THR B 260 32.30 0.09 14.52
C THR B 260 32.80 -1.14 15.27
N ASP B 261 33.07 -0.97 16.56
CA ASP B 261 33.49 -2.09 17.41
C ASP B 261 32.26 -2.85 17.86
N THR B 262 32.20 -4.15 17.57
CA THR B 262 31.07 -4.98 17.99
C THR B 262 31.46 -6.14 18.92
N SER B 263 32.70 -6.12 19.41
CA SER B 263 33.14 -7.09 20.40
C SER B 263 32.36 -7.04 21.73
N GLY B 264 31.76 -5.90 22.05
CA GLY B 264 30.95 -5.81 23.24
C GLY B 264 29.75 -6.74 23.27
N THR B 265 28.85 -6.46 24.19
CA THR B 265 27.58 -7.13 24.31
C THR B 265 26.64 -6.22 25.06
N THR B 266 25.37 -6.21 24.67
CA THR B 266 24.38 -5.32 25.21
C THR B 266 23.37 -6.10 26.03
N VAL B 267 23.22 -5.71 27.29
CA VAL B 267 22.47 -6.50 28.26
C VAL B 267 21.08 -5.94 28.52
N PHE B 268 20.11 -6.82 28.70
CA PHE B 268 18.76 -6.40 29.06
C PHE B 268 18.34 -7.04 30.36
N ASN B 269 17.92 -6.22 31.30
CA ASN B 269 17.50 -6.68 32.59
C ASN B 269 16.02 -6.66 32.69
N PHE B 270 15.44 -7.80 33.05
CA PHE B 270 14.01 -7.87 33.28
C PHE B 270 13.70 -8.01 34.76
N GLY B 271 12.42 -7.97 35.08
CA GLY B 271 11.96 -7.74 36.43
C GLY B 271 12.41 -8.76 37.47
N ASN B 272 12.36 -10.05 37.10
CA ASN B 272 12.49 -11.12 38.10
C ASN B 272 13.90 -11.62 38.40
N GLY B 273 14.91 -10.80 38.14
CA GLY B 273 16.28 -11.28 38.06
C GLY B 273 16.68 -11.81 36.68
N ALA B 274 15.73 -11.89 35.74
CA ALA B 274 16.07 -12.35 34.40
C ALA B 274 16.96 -11.33 33.71
N LYS B 275 17.76 -11.81 32.76
CA LYS B 275 18.66 -10.95 32.01
C LYS B 275 19.01 -11.64 30.70
N ILE B 276 19.07 -10.87 29.61
CA ILE B 276 19.46 -11.38 28.30
C ILE B 276 20.56 -10.48 27.75
N THR B 277 21.61 -11.08 27.22
CA THR B 277 22.79 -10.39 26.68
C THR B 277 22.89 -10.50 25.16
N VAL B 278 22.80 -9.39 24.43
CA VAL B 278 22.91 -9.41 22.97
C VAL B 278 24.34 -9.02 22.50
N PRO B 279 24.94 -9.82 21.59
CA PRO B 279 26.23 -9.45 21.05
C PRO B 279 26.03 -8.24 20.20
N ASN B 280 27.03 -7.34 20.23
CA ASN B 280 26.89 -6.09 19.55
C ASN B 280 26.89 -6.19 18.02
N THR B 281 27.23 -7.35 17.45
CA THR B 281 27.04 -7.50 15.99
C THR B 281 25.59 -7.29 15.58
N GLU B 282 24.67 -7.51 16.51
CA GLU B 282 23.24 -7.38 16.21
C GLU B 282 22.84 -5.92 15.95
N TYR B 283 23.77 -5.02 16.16
CA TYR B 283 23.50 -3.60 16.03
C TYR B 283 24.17 -2.96 14.80
N VAL B 284 24.77 -3.80 13.96
CA VAL B 284 25.10 -3.40 12.61
C VAL B 284 24.35 -4.29 11.62
N TYR B 285 23.40 -3.67 10.94
CA TYR B 285 22.63 -4.30 9.90
C TYR B 285 23.22 -3.69 8.64
N GLN B 286 23.53 -4.53 7.66
CA GLN B 286 24.12 -4.05 6.41
C GLN B 286 23.05 -3.69 5.41
N ASN B 287 23.13 -2.48 4.88
CA ASN B 287 22.33 -2.05 3.76
C ASN B 287 23.13 -2.35 2.50
N GLY B 288 22.52 -3.05 1.55
CA GLY B 288 23.12 -3.30 0.23
C GLY B 288 24.40 -2.55 -0.09
N ASP B 289 24.33 -1.22 -0.13
CA ASP B 289 25.51 -0.38 -0.45
C ASP B 289 26.54 -0.39 0.69
N GLY B 290 27.45 0.60 0.74
CA GLY B 290 28.50 0.62 1.78
C GLY B 290 28.15 1.29 3.11
N THR B 291 26.88 1.25 3.50
CA THR B 291 26.45 1.84 4.77
C THR B 291 25.81 0.80 5.64
N CYS B 292 25.82 1.05 6.94
CA CYS B 292 25.19 0.14 7.88
C CYS B 292 24.19 0.86 8.78
N LEU B 293 23.04 0.24 8.98
CA LEU B 293 22.04 0.75 9.93
C LEU B 293 22.37 0.28 11.32
N TRP B 294 21.98 1.08 12.30
CA TRP B 294 22.07 0.71 13.68
C TRP B 294 20.89 -0.22 13.99
N GLY B 295 21.13 -1.23 14.83
CA GLY B 295 20.14 -2.25 15.15
C GLY B 295 19.06 -1.78 16.09
N ILE B 296 19.24 -0.55 16.61
CA ILE B 296 18.30 0.12 17.49
C ILE B 296 17.80 1.44 16.87
N GLN B 297 16.48 1.62 16.82
CA GLN B 297 15.87 2.79 16.20
C GLN B 297 14.79 3.43 17.07
N PRO B 298 14.43 4.71 16.80
CA PRO B 298 13.42 5.31 17.66
C PRO B 298 12.01 5.00 17.15
N SER B 299 11.05 5.01 18.07
CA SER B 299 9.66 4.87 17.75
C SER B 299 8.83 5.22 18.97
N ASP B 300 7.51 5.31 18.83
CA ASP B 300 6.64 5.63 19.97
C ASP B 300 6.59 4.43 20.90
N ASP B 301 6.70 3.27 20.30
CA ASP B 301 6.55 2.02 21.01
C ASP B 301 7.90 1.41 21.24
N THR B 302 8.03 0.60 22.29
CA THR B 302 9.23 -0.20 22.51
C THR B 302 8.99 -1.59 21.98
N ILE B 303 9.91 -2.08 21.16
CA ILE B 303 9.79 -3.38 20.50
C ILE B 303 11.15 -3.98 20.47
N LEU B 304 11.26 -5.17 21.05
CA LEU B 304 12.48 -5.94 21.01
C LEU B 304 12.32 -6.99 19.92
N GLY B 305 12.95 -6.73 18.78
CA GLY B 305 12.66 -7.48 17.59
C GLY B 305 13.58 -8.62 17.39
N ASP B 306 13.66 -9.09 16.14
CA ASP B 306 14.42 -10.26 15.78
C ASP B 306 15.79 -10.20 16.32
N ASN B 307 16.45 -9.07 16.17
CA ASN B 307 17.86 -9.01 16.59
C ASN B 307 18.00 -9.16 18.08
N PHE B 308 17.00 -8.77 18.86
CA PHE B 308 17.03 -9.18 20.28
C PHE B 308 16.73 -10.67 20.54
N LEU B 309 15.55 -11.11 20.10
CA LEU B 309 15.06 -12.48 20.37
C LEU B 309 15.97 -13.65 19.91
N ARG B 310 16.84 -13.49 18.92
CA ARG B 310 17.71 -14.63 18.60
C ARG B 310 18.43 -15.16 19.83
N HIS B 311 18.58 -14.29 20.82
CA HIS B 311 19.45 -14.58 21.92
C HIS B 311 18.69 -14.90 23.18
N ALA B 312 17.45 -15.32 23.00
CA ALA B 312 16.61 -15.71 24.12
C ALA B 312 15.68 -16.84 23.67
N TYR B 313 15.50 -17.80 24.58
CA TYR B 313 14.47 -18.84 24.42
C TYR B 313 13.23 -18.27 25.11
N LEU B 314 12.05 -18.41 24.52
CA LEU B 314 10.81 -17.81 25.07
C LEU B 314 9.58 -18.72 25.09
N LEU B 315 9.08 -19.02 26.29
CA LEU B 315 7.81 -19.69 26.39
C LEU B 315 6.86 -18.57 26.52
N TYR B 316 6.11 -18.36 25.46
CA TYR B 316 4.98 -17.49 25.52
C TYR B 316 3.86 -18.34 26.00
N ASN B 317 3.06 -17.75 26.87
CA ASN B 317 1.90 -18.45 27.39
C ASN B 317 0.77 -17.51 27.57
N LEU B 318 -0.30 -17.71 26.79
CA LEU B 318 -1.38 -16.72 26.69
C LEU B 318 -2.60 -16.95 27.61
N ASP B 319 -2.80 -18.19 28.06
CA ASP B 319 -3.78 -18.40 29.11
C ASP B 319 -3.21 -17.99 30.45
N ALA B 320 -1.88 -18.00 30.55
CA ALA B 320 -1.23 -17.64 31.80
C ALA B 320 -1.03 -16.16 31.89
N ASN B 321 -0.70 -15.52 30.76
CA ASN B 321 -0.33 -14.10 30.75
C ASN B 321 1.10 -13.93 31.30
N THR B 322 1.94 -14.89 30.93
CA THR B 322 3.40 -14.82 31.15
C THR B 322 4.16 -15.16 29.88
N ILE B 323 5.37 -14.60 29.76
CA ILE B 323 6.38 -15.08 28.80
C ILE B 323 7.64 -15.33 29.59
N SER B 324 8.25 -16.49 29.38
CA SER B 324 9.39 -16.90 30.21
C SER B 324 10.63 -16.88 29.40
N ILE B 325 11.72 -16.44 30.02
CA ILE B 325 12.94 -16.13 29.30
C ILE B 325 14.18 -16.78 29.94
N ALA B 326 15.27 -16.77 29.19
CA ALA B 326 16.48 -17.45 29.59
C ALA B 326 17.46 -17.29 28.45
N GLN B 327 18.73 -17.05 28.77
CA GLN B 327 19.75 -16.88 27.74
C GLN B 327 19.67 -18.06 26.74
N VAL B 328 20.02 -17.82 25.49
CA VAL B 328 19.93 -18.88 24.47
C VAL B 328 21.15 -19.80 24.44
N LYS B 329 20.90 -21.05 24.04
CA LYS B 329 21.96 -22.03 23.80
C LYS B 329 21.82 -22.58 22.37
N TYR B 330 22.81 -22.29 21.51
CA TYR B 330 22.79 -22.75 20.11
C TYR B 330 23.47 -24.12 19.94
N THR B 331 22.71 -25.07 19.39
CA THR B 331 23.04 -26.48 19.47
C THR B 331 22.40 -27.23 18.31
N THR B 332 22.54 -28.54 18.30
CA THR B 332 21.74 -29.40 17.42
C THR B 332 20.65 -30.14 18.26
N ASP B 333 20.84 -30.17 19.60
CA ASP B 333 20.04 -31.00 20.55
C ASP B 333 18.61 -30.51 20.71
N SER B 334 17.85 -31.08 21.65
CA SER B 334 16.48 -30.65 21.97
C SER B 334 15.78 -31.59 22.97
N SER B 335 14.90 -31.10 23.81
CA SER B 335 14.08 -31.91 24.71
C SER B 335 12.82 -31.17 25.16
N ILE B 336 11.64 -31.62 24.68
CA ILE B 336 10.40 -30.85 24.78
C ILE B 336 9.63 -31.24 26.07
N SER B 337 8.57 -30.50 26.40
CA SER B 337 7.53 -31.00 27.32
C SER B 337 6.20 -30.30 27.08
N ALA B 338 5.14 -31.08 26.85
CA ALA B 338 3.81 -30.52 26.59
C ALA B 338 3.22 -29.83 27.84
N VAL B 339 3.17 -28.47 27.79
CA VAL B 339 2.59 -27.73 28.90
C VAL B 339 1.11 -27.59 28.61
C1 RIT C . -12.70 4.08 -10.11
C2 RIT C . -11.73 3.71 -9.18
S3 RIT C . -12.45 3.35 -7.66
C4 RIT C . -14.04 3.65 -8.26
N5 RIT C . -13.95 4.04 -9.56
C6 RIT C . -10.23 3.61 -9.23
O7 RIT C . -9.75 4.76 -9.91
C10 RIT C . -8.85 4.52 -11.02
O24 RIT C . -8.40 3.40 -11.21
N11 RIT C . -8.50 5.53 -11.80
C12 RIT C . -7.49 5.31 -12.82
C13 RIT C . -6.65 6.58 -12.91
C14 RIT C . -6.04 7.07 -11.58
C15 RIT C . -4.71 6.43 -11.16
C26 RIT C . -8.15 4.83 -14.14
C28 RIT C . -8.85 3.49 -13.96
C31 RIT C . -8.18 2.28 -14.26
C32 RIT C . -8.82 1.04 -14.11
C33 RIT C . -10.13 0.96 -13.65
C34 RIT C . -10.81 2.15 -13.36
C35 RIT C . -10.17 3.41 -13.52
O41 RIT C . -7.47 7.61 -13.43
C44 RIT C . -3.70 7.53 -10.75
C45 RIT C . -2.49 7.08 -9.94
C48 RIT C . -1.61 8.09 -9.55
C49 RIT C . -0.47 7.82 -8.78
C50 RIT C . -0.21 6.51 -8.35
C51 RIT C . -1.10 5.49 -8.73
C52 RIT C . -2.24 5.76 -9.51
N58 RIT C . -4.04 5.74 -12.23
N20 RIT C . -1.62 4.10 -13.18
C19 RIT C . -3.02 4.17 -13.57
C18 RIT C . -3.84 4.44 -12.36
O61 RIT C . -4.23 3.53 -11.62
C62 RIT C . -3.42 2.85 -14.24
C64 RIT C . -4.79 2.93 -14.88
C68 RIT C . -2.37 2.37 -15.24
C21 RIT C . -0.69 4.53 -14.00
N74 RIT C . 0.47 3.91 -14.03
C75 RIT C . 1.69 4.62 -14.38
O76 RIT C . -0.93 5.38 -14.81
C77 RIT C . 1.99 5.53 -13.23
C80 RIT C . 1.08 6.45 -12.68
S81 RIT C . 1.82 7.29 -11.37
C82 RIT C . 3.31 6.40 -11.57
N83 RIT C . 3.21 5.51 -12.60
C85 RIT C . 4.43 6.71 -10.64
C86 RIT C . 4.29 8.11 -10.03
C90 RIT C . 5.77 6.51 -11.37
C95 RIT C . 0.65 2.46 -13.80
C1 RIT D . -2.17 -4.49 16.38
C2 RIT D . -1.84 -4.75 15.06
S3 RIT D . -3.17 -4.33 14.02
C4 RIT D . -4.15 -3.82 15.37
N5 RIT D . -3.45 -3.98 16.52
C6 RIT D . -0.58 -5.33 14.43
O7 RIT D . 0.13 -4.41 13.58
C10 RIT D . 1.59 -4.33 13.61
O24 RIT D . 2.14 -3.30 13.22
N11 RIT D . 2.35 -5.32 14.08
C12 RIT D . 3.77 -5.11 14.30
C13 RIT D . 4.57 -6.32 13.81
C14 RIT D . 4.21 -6.89 12.42
C15 RIT D . 4.96 -6.31 11.20
C26 RIT D . 3.99 -4.77 15.78
C28 RIT D . 3.41 -3.40 16.16
C31 RIT D . 4.20 -2.25 16.05
C32 RIT D . 3.69 -0.98 16.38
C33 RIT D . 2.38 -0.85 16.83
C34 RIT D . 1.58 -1.99 16.95
C35 RIT D . 2.09 -3.25 16.62
O41 RIT D . 4.38 -7.36 14.78
C44 RIT D . 5.46 -7.40 10.22
C45 RIT D . 5.72 -6.91 8.81
C48 RIT D . 5.75 -7.87 7.80
C49 RIT D . 5.95 -7.55 6.45
C50 RIT D . 6.14 -6.23 6.09
C51 RIT D . 6.10 -5.25 7.08
C52 RIT D . 5.90 -5.57 8.44
N58 RIT D . 6.14 -5.55 11.54
N20 RIT D . 8.31 -3.53 10.72
C19 RIT D . 7.54 -3.71 11.94
C18 RIT D . 6.18 -4.23 11.61
O61 RIT D . 5.23 -3.48 11.40
C62 RIT D . 7.49 -2.36 12.65
C64 RIT D . 7.12 -2.52 14.13
C68 RIT D . 8.80 -1.57 12.53
C21 RIT D . 9.50 -4.07 10.54
N74 RIT D . 10.31 -3.41 9.73
C75 RIT D . 11.39 -4.04 9.00
O76 RIT D . 9.91 -5.03 11.15
C77 RIT D . 10.88 -4.95 7.93
C80 RIT D . 10.07 -6.07 8.16
S81 RIT D . 9.72 -6.85 6.66
C82 RIT D . 10.64 -5.69 5.75
N83 RIT D . 11.17 -4.76 6.60
C85 RIT D . 10.68 -5.87 4.28
C86 RIT D . 10.41 -7.33 3.92
C90 RIT D . 12.03 -5.39 3.72
C95 RIT D . 10.24 -1.96 9.54
#